data_4PB5
#
_entry.id   4PB5
#
_cell.length_a   157.630
_cell.length_b   157.630
_cell.length_c   157.537
_cell.angle_alpha   90.00
_cell.angle_beta   90.00
_cell.angle_gamma   90.00
#
_symmetry.space_group_name_H-M   'I 41 2 2'
#
loop_
_entity.id
_entity.type
_entity.pdbx_description
1 polymer 'D-threo-3-hydroxyaspartate dehydratase'
2 non-polymer "PYRIDOXAL-5'-PHOSPHATE"
3 non-polymer 'MAGNESIUM ION'
4 non-polymer '(3R)-3-hydroxy-L-aspartic acid'
5 non-polymer GLYCEROL
6 water water
#
_entity_poly.entity_id   1
_entity_poly.type   'polypeptide(L)'
_entity_poly.pdbx_seq_one_letter_code
;GHHHHHHAMSMQDTLLTLDTPAAVIDLDRMQRNIARMQQRMDAQGVRLRPHVKTSKSVPVAAAQRAAGASGITVSTLKEA
EQFFAAGTTDILYAVSMAPHRLPQALQLRRRGCDLKLIVDSVAAAQAIAAFGREQGEAFEVWIEIDTDGHRSGVGADDTP
LLLAIGRTLHDGGMRLGGVLTHAGSSYELDTPEALQALAERERAGCVQAAEALRAAGLPCPVVSVGSTPTALAASRLDGV
TEVRAGVYVFFDLVMRNIGVCAAEDVALSVLATVIGHQADKGWAIVDAGWMAMSRDRGTARQKQDFGYGQVCDLQGRVMP
GFVLTGANQEHGILARADGAAEADIATRFPLGTRLRILPNAACATGAQFPAYQALAADGSVQTWERLHGW
;
_entity_poly.pdbx_strand_id   A,B
#
# COMPACT_ATOMS: atom_id res chain seq x y z
N GLN A 12 19.39 -24.40 4.33
CA GLN A 12 18.59 -23.35 5.05
C GLN A 12 18.43 -22.03 4.25
N ASP A 13 17.26 -21.39 4.37
CA ASP A 13 17.08 -20.01 3.89
C ASP A 13 17.63 -18.95 4.90
N THR A 14 18.32 -17.93 4.42
CA THR A 14 18.92 -16.97 5.34
C THR A 14 18.79 -15.60 4.62
N LEU A 15 19.29 -14.56 5.25
CA LEU A 15 19.20 -13.24 4.63
C LEU A 15 20.07 -13.14 3.35
N LEU A 16 21.04 -14.04 3.19
CA LEU A 16 21.84 -14.03 1.98
C LEU A 16 21.14 -14.73 0.80
N THR A 17 20.20 -15.60 1.07
CA THR A 17 19.64 -16.46 -0.01
C THR A 17 18.24 -15.95 -0.39
N LEU A 18 17.61 -15.12 0.44
CA LEU A 18 16.27 -14.62 0.13
C LEU A 18 16.31 -13.76 -1.14
N ASP A 19 15.23 -13.76 -1.94
CA ASP A 19 15.12 -12.69 -2.96
C ASP A 19 14.72 -11.38 -2.22
N THR A 20 15.03 -10.23 -2.82
CA THR A 20 14.65 -8.98 -2.22
C THR A 20 13.69 -8.25 -3.18
N PRO A 21 12.86 -7.37 -2.66
CA PRO A 21 12.81 -7.00 -1.23
C PRO A 21 12.03 -8.07 -0.44
N ALA A 22 12.28 -8.14 0.91
CA ALA A 22 11.61 -9.13 1.75
C ALA A 22 11.36 -8.47 3.11
N ALA A 23 10.22 -8.81 3.73
CA ALA A 23 9.86 -8.19 5.02
C ALA A 23 10.40 -9.15 6.09
N VAL A 24 11.38 -8.67 6.87
CA VAL A 24 12.07 -9.56 7.85
C VAL A 24 11.61 -9.19 9.26
N ILE A 25 11.17 -10.19 10.05
CA ILE A 25 10.89 -9.96 11.46
C ILE A 25 12.06 -10.49 12.22
N ASP A 26 12.68 -9.65 13.02
CA ASP A 26 13.76 -10.14 13.91
C ASP A 26 13.02 -10.75 15.13
N LEU A 27 12.99 -12.08 15.25
CA LEU A 27 12.13 -12.70 16.27
C LEU A 27 12.57 -12.33 17.73
N ASP A 28 13.86 -12.18 17.94
CA ASP A 28 14.31 -11.78 19.34
C ASP A 28 13.72 -10.36 19.67
N ARG A 29 13.78 -9.42 18.73
CA ARG A 29 13.17 -8.09 18.94
C ARG A 29 11.68 -8.16 19.12
N MET A 30 11.03 -8.92 18.24
CA MET A 30 9.60 -9.09 18.40
C MET A 30 9.23 -9.59 19.77
N GLN A 31 9.95 -10.60 20.23
CA GLN A 31 9.59 -11.18 21.51
C GLN A 31 9.80 -10.16 22.64
N ARG A 32 10.87 -9.36 22.57
CA ARG A 32 11.09 -8.33 23.64
C ARG A 32 9.94 -7.34 23.60
N ASN A 33 9.46 -6.97 22.40
CA ASN A 33 8.30 -6.05 22.32
C ASN A 33 7.00 -6.66 22.89
N ILE A 34 6.81 -7.94 22.60
CA ILE A 34 5.66 -8.70 23.12
C ILE A 34 5.73 -8.72 24.65
N ALA A 35 6.90 -9.04 25.18
CA ALA A 35 7.03 -9.16 26.64
C ALA A 35 6.82 -7.76 27.28
N ARG A 36 7.41 -6.72 26.67
CA ARG A 36 7.32 -5.36 27.25
C ARG A 36 5.86 -4.90 27.43
N MET A 37 5.07 -5.06 26.39
CA MET A 37 3.67 -4.65 26.47
C MET A 37 2.87 -5.53 27.41
N GLN A 38 3.04 -6.85 27.32
CA GLN A 38 2.27 -7.71 28.23
C GLN A 38 2.60 -7.37 29.70
N GLN A 39 3.88 -7.19 30.00
CA GLN A 39 4.32 -6.93 31.37
C GLN A 39 3.71 -5.62 31.88
N ARG A 40 3.64 -4.63 30.99
CA ARG A 40 3.00 -3.38 31.38
C ARG A 40 1.50 -3.52 31.64
N MET A 41 0.78 -4.24 30.79
CA MET A 41 -0.66 -4.48 31.01
C MET A 41 -0.87 -5.30 32.31
N ASP A 42 -0.04 -6.33 32.56
CA ASP A 42 -0.14 -7.07 33.83
C ASP A 42 0.01 -6.12 35.03
N ALA A 43 0.98 -5.21 34.93
CA ALA A 43 1.26 -4.26 36.05
C ALA A 43 0.07 -3.33 36.27
N GLN A 44 -0.70 -3.01 35.22
CA GLN A 44 -1.88 -2.20 35.36
C GLN A 44 -3.10 -3.03 35.70
N GLY A 45 -2.98 -4.36 35.73
CA GLY A 45 -4.16 -5.14 36.10
C GLY A 45 -5.26 -5.20 35.00
N VAL A 46 -4.87 -5.09 33.73
CA VAL A 46 -5.82 -5.11 32.68
C VAL A 46 -5.41 -6.21 31.67
N ARG A 47 -6.38 -6.68 30.86
CA ARG A 47 -6.15 -7.66 29.81
CA ARG A 47 -6.08 -7.66 29.86
C ARG A 47 -5.52 -6.92 28.64
N LEU A 48 -4.71 -7.65 27.81
CA LEU A 48 -4.19 -7.04 26.55
C LEU A 48 -4.95 -7.76 25.43
N ARG A 49 -5.66 -7.01 24.58
CA ARG A 49 -6.32 -7.59 23.41
C ARG A 49 -5.60 -7.02 22.16
N PRO A 50 -4.60 -7.76 21.63
CA PRO A 50 -3.72 -7.16 20.63
C PRO A 50 -4.53 -6.91 19.35
N HIS A 51 -4.21 -5.79 18.70
CA HIS A 51 -4.77 -5.48 17.42
C HIS A 51 -3.94 -6.16 16.32
N VAL A 52 -4.44 -7.27 15.77
CA VAL A 52 -3.66 -8.04 14.79
C VAL A 52 -3.67 -7.40 13.41
N LYS A 53 -4.34 -6.26 13.23
CA LYS A 53 -4.21 -5.58 11.91
C LYS A 53 -2.73 -5.23 11.55
N THR A 54 -1.85 -5.17 12.53
CA THR A 54 -0.45 -4.79 12.22
C THR A 54 0.24 -5.91 11.41
N SER A 55 -0.02 -7.18 11.78
CA SER A 55 0.71 -8.30 11.14
C SER A 55 -0.24 -9.13 10.26
N LYS A 56 -1.52 -9.25 10.68
CA LYS A 56 -2.36 -10.26 10.03
C LYS A 56 -1.70 -11.59 9.77
N SER A 57 -0.97 -12.11 10.78
CA SER A 57 -0.20 -13.32 10.59
C SER A 57 -0.42 -14.24 11.82
N VAL A 58 -0.91 -15.45 11.53
CA VAL A 58 -1.21 -16.44 12.56
C VAL A 58 -0.08 -16.62 13.59
N PRO A 59 1.17 -16.88 13.15
CA PRO A 59 2.21 -17.12 14.15
C PRO A 59 2.60 -15.88 14.97
N VAL A 60 2.39 -14.68 14.44
CA VAL A 60 2.69 -13.47 15.22
C VAL A 60 1.64 -13.40 16.34
N ALA A 61 0.35 -13.52 15.95
CA ALA A 61 -0.70 -13.47 17.00
C ALA A 61 -0.52 -14.65 17.98
N ALA A 62 -0.03 -15.79 17.51
CA ALA A 62 0.18 -16.97 18.38
C ALA A 62 1.23 -16.62 19.49
N ALA A 63 2.24 -15.87 19.07
CA ALA A 63 3.31 -15.45 20.03
C ALA A 63 2.73 -14.42 21.06
N GLN A 64 1.87 -13.52 20.62
CA GLN A 64 1.23 -12.58 21.53
C GLN A 64 0.32 -13.35 22.50
N ARG A 65 -0.45 -14.30 21.94
CA ARG A 65 -1.29 -15.13 22.88
C ARG A 65 -0.43 -15.93 23.87
N ALA A 66 0.63 -16.57 23.38
CA ALA A 66 1.50 -17.35 24.32
C ALA A 66 2.04 -16.47 25.45
N ALA A 67 2.31 -15.19 25.20
CA ALA A 67 2.78 -14.29 26.24
C ALA A 67 1.71 -13.83 27.24
N GLY A 68 0.43 -14.09 26.95
CA GLY A 68 -0.61 -13.84 27.97
C GLY A 68 -1.74 -12.97 27.42
N ALA A 69 -1.77 -12.70 26.10
CA ALA A 69 -2.86 -11.91 25.49
C ALA A 69 -4.20 -12.61 25.63
N SER A 70 -5.26 -11.81 25.70
CA SER A 70 -6.65 -12.30 25.83
C SER A 70 -7.51 -11.83 24.67
N GLY A 71 -7.75 -12.73 23.73
CA GLY A 71 -8.55 -12.42 22.53
C GLY A 71 -7.74 -11.51 21.57
N ILE A 72 -8.37 -11.11 20.47
CA ILE A 72 -7.74 -10.20 19.49
C ILE A 72 -8.70 -9.11 19.10
N THR A 73 -8.16 -8.08 18.48
CA THR A 73 -8.98 -7.06 17.84
C THR A 73 -8.63 -7.20 16.36
N VAL A 74 -9.63 -7.01 15.48
CA VAL A 74 -9.42 -7.11 14.03
C VAL A 74 -10.01 -5.87 13.38
N SER A 75 -9.48 -5.52 12.19
CA SER A 75 -9.92 -4.32 11.46
C SER A 75 -10.82 -4.67 10.26
N THR A 76 -11.04 -5.95 9.98
CA THR A 76 -11.85 -6.40 8.83
C THR A 76 -12.44 -7.79 9.22
N LEU A 77 -13.52 -8.19 8.57
CA LEU A 77 -14.08 -9.52 8.88
C LEU A 77 -13.24 -10.52 8.16
N LYS A 78 -12.47 -10.12 7.15
CA LYS A 78 -11.58 -11.14 6.52
C LYS A 78 -10.56 -11.62 7.58
N GLU A 79 -10.02 -10.70 8.38
CA GLU A 79 -9.11 -11.14 9.51
C GLU A 79 -9.88 -12.03 10.50
N ALA A 80 -11.12 -11.66 10.83
CA ALA A 80 -11.88 -12.52 11.73
C ALA A 80 -11.96 -13.92 11.12
N GLU A 81 -12.28 -14.03 9.82
CA GLU A 81 -12.34 -15.39 9.18
C GLU A 81 -11.01 -16.13 9.34
N GLN A 82 -9.91 -15.44 9.06
CA GLN A 82 -8.58 -16.09 9.02
C GLN A 82 -8.21 -16.59 10.44
N PHE A 83 -8.38 -15.75 11.46
CA PHE A 83 -7.97 -16.10 12.79
C PHE A 83 -8.92 -17.10 13.43
N PHE A 84 -10.21 -16.93 13.13
CA PHE A 84 -11.18 -17.99 13.53
C PHE A 84 -10.81 -19.36 12.90
N ALA A 85 -10.41 -19.38 11.62
CA ALA A 85 -10.11 -20.67 10.98
C ALA A 85 -8.87 -21.25 11.64
N ALA A 86 -8.07 -20.41 12.33
CA ALA A 86 -6.83 -20.82 12.97
C ALA A 86 -7.06 -21.12 14.45
N GLY A 87 -8.31 -21.10 14.89
CA GLY A 87 -8.60 -21.54 16.26
C GLY A 87 -8.84 -20.37 17.22
N THR A 88 -8.74 -19.12 16.79
CA THR A 88 -9.07 -17.98 17.74
C THR A 88 -10.55 -17.60 17.74
N THR A 89 -11.21 -17.57 18.89
CA THR A 89 -12.66 -17.35 18.90
C THR A 89 -13.07 -16.01 19.53
N ASP A 90 -12.20 -15.41 20.32
CA ASP A 90 -12.57 -14.21 21.10
C ASP A 90 -12.09 -13.04 20.22
N ILE A 91 -13.00 -12.56 19.36
CA ILE A 91 -12.62 -11.61 18.33
C ILE A 91 -13.47 -10.33 18.34
N LEU A 92 -12.79 -9.19 18.44
CA LEU A 92 -13.47 -7.91 18.40
C LEU A 92 -13.22 -7.24 17.06
N TYR A 93 -14.33 -6.94 16.30
CA TYR A 93 -14.16 -6.28 15.01
C TYR A 93 -14.38 -4.78 15.30
N ALA A 94 -13.27 -4.04 15.41
CA ALA A 94 -13.38 -2.69 15.97
C ALA A 94 -13.42 -1.63 14.87
N VAL A 95 -14.43 -1.73 13.98
CA VAL A 95 -14.69 -0.73 12.99
C VAL A 95 -16.23 -0.62 12.98
N SER A 96 -16.77 0.59 13.05
CA SER A 96 -18.21 0.82 13.11
C SER A 96 -18.86 -0.13 12.16
N MET A 97 -19.85 -0.91 12.66
CA MET A 97 -20.39 -2.00 11.85
C MET A 97 -21.23 -1.47 10.68
N ALA A 98 -20.99 -1.95 9.46
CA ALA A 98 -21.85 -1.68 8.33
C ALA A 98 -23.01 -2.69 8.30
N PRO A 99 -24.27 -2.19 8.21
CA PRO A 99 -25.39 -3.17 8.21
C PRO A 99 -25.27 -4.25 7.13
N HIS A 100 -24.73 -3.91 5.98
CA HIS A 100 -24.67 -4.90 4.93
C HIS A 100 -23.71 -6.06 5.25
N ARG A 101 -22.85 -5.92 6.26
CA ARG A 101 -21.90 -7.01 6.66
C ARG A 101 -22.53 -7.91 7.75
N LEU A 102 -23.78 -7.61 8.13
CA LEU A 102 -24.42 -8.40 9.18
C LEU A 102 -24.59 -9.91 8.84
N PRO A 103 -24.95 -10.27 7.58
CA PRO A 103 -25.00 -11.73 7.23
C PRO A 103 -23.63 -12.44 7.45
N GLN A 104 -22.51 -11.79 7.11
CA GLN A 104 -21.16 -12.33 7.30
CA GLN A 104 -21.20 -12.40 7.34
C GLN A 104 -20.87 -12.47 8.83
N ALA A 105 -21.24 -11.45 9.62
CA ALA A 105 -21.00 -11.51 11.08
C ALA A 105 -21.87 -12.62 11.67
N LEU A 106 -23.11 -12.71 11.22
CA LEU A 106 -23.98 -13.75 11.77
C LEU A 106 -23.40 -15.15 11.52
N GLN A 107 -23.01 -15.41 10.27
CA GLN A 107 -22.46 -16.72 9.89
C GLN A 107 -21.21 -17.07 10.75
N LEU A 108 -20.29 -16.11 10.93
CA LEU A 108 -19.21 -16.28 11.94
C LEU A 108 -19.69 -16.65 13.31
N ARG A 109 -20.69 -15.95 13.88
CA ARG A 109 -21.16 -16.31 15.21
C ARG A 109 -21.79 -17.74 15.22
N ARG A 110 -22.57 -18.09 14.19
CA ARG A 110 -23.26 -19.37 14.16
C ARG A 110 -22.23 -20.50 14.04
N ARG A 111 -21.13 -20.23 13.40
CA ARG A 111 -20.03 -21.17 13.27
C ARG A 111 -19.18 -21.34 14.60
N GLY A 112 -19.39 -20.45 15.54
CA GLY A 112 -18.79 -20.60 16.88
C GLY A 112 -17.74 -19.53 17.15
N CYS A 113 -17.65 -18.51 16.29
CA CYS A 113 -16.73 -17.38 16.62
C CYS A 113 -17.45 -16.44 17.55
N ASP A 114 -16.83 -16.09 18.70
CA ASP A 114 -17.48 -15.13 19.64
C ASP A 114 -17.14 -13.68 19.15
N LEU A 115 -17.71 -13.33 18.00
CA LEU A 115 -17.34 -12.13 17.28
C LEU A 115 -18.15 -10.96 17.88
N LYS A 116 -17.46 -9.90 18.31
CA LYS A 116 -18.06 -8.68 18.89
C LYS A 116 -18.04 -7.59 17.86
N LEU A 117 -19.11 -6.80 17.79
CA LEU A 117 -19.21 -5.69 16.83
C LEU A 117 -19.27 -4.36 17.63
N ILE A 118 -19.04 -3.24 16.96
CA ILE A 118 -19.18 -1.92 17.60
C ILE A 118 -20.03 -0.98 16.78
N VAL A 119 -20.64 -0.02 17.48
CA VAL A 119 -21.48 0.98 16.81
C VAL A 119 -21.33 2.31 17.55
N ASP A 120 -21.68 3.39 16.87
CA ASP A 120 -21.70 4.69 17.48
C ASP A 120 -22.90 5.50 17.04
N SER A 121 -23.96 4.84 16.59
CA SER A 121 -25.15 5.56 16.15
C SER A 121 -26.40 4.76 16.46
N VAL A 122 -27.52 5.45 16.66
CA VAL A 122 -28.79 4.77 16.83
C VAL A 122 -29.13 3.92 15.59
N ALA A 123 -28.92 4.47 14.40
CA ALA A 123 -29.31 3.74 13.18
C ALA A 123 -28.51 2.42 13.06
N ALA A 124 -27.21 2.44 13.32
CA ALA A 124 -26.48 1.17 13.22
C ALA A 124 -26.94 0.19 14.30
N ALA A 125 -27.19 0.66 15.52
CA ALA A 125 -27.69 -0.20 16.60
C ALA A 125 -29.05 -0.80 16.21
N GLN A 126 -29.93 0.03 15.60
CA GLN A 126 -31.25 -0.45 15.21
C GLN A 126 -31.15 -1.55 14.12
N ALA A 127 -30.26 -1.36 13.18
CA ALA A 127 -30.01 -2.33 12.06
C ALA A 127 -29.52 -3.68 12.66
N ILE A 128 -28.55 -3.62 13.57
CA ILE A 128 -28.11 -4.83 14.25
C ILE A 128 -29.28 -5.52 15.02
N ALA A 129 -29.96 -4.76 15.87
CA ALA A 129 -30.97 -5.36 16.75
C ALA A 129 -32.11 -5.99 15.89
N ALA A 130 -32.51 -5.28 14.86
CA ALA A 130 -33.66 -5.73 14.03
C ALA A 130 -33.26 -7.05 13.31
N PHE A 131 -32.06 -7.06 12.74
CA PHE A 131 -31.49 -8.27 12.13
C PHE A 131 -31.31 -9.43 13.13
N GLY A 132 -30.77 -9.13 14.31
CA GLY A 132 -30.57 -10.10 15.39
C GLY A 132 -31.88 -10.78 15.81
N ARG A 133 -32.89 -9.98 16.03
CA ARG A 133 -34.20 -10.51 16.37
C ARG A 133 -34.75 -11.36 15.24
N GLU A 134 -34.69 -10.87 14.00
CA GLU A 134 -35.21 -11.64 12.85
C GLU A 134 -34.51 -13.01 12.74
N GLN A 135 -33.19 -13.02 12.96
CA GLN A 135 -32.37 -14.23 12.75
C GLN A 135 -32.19 -15.10 14.03
N GLY A 136 -32.73 -14.64 15.13
CA GLY A 136 -32.55 -15.29 16.46
C GLY A 136 -31.15 -15.16 17.02
N GLU A 137 -30.50 -13.99 16.82
CA GLU A 137 -29.10 -13.88 17.28
C GLU A 137 -28.96 -12.64 18.20
N ALA A 138 -28.52 -12.88 19.43
CA ALA A 138 -28.25 -11.83 20.38
C ALA A 138 -26.80 -11.39 20.11
N PHE A 139 -26.61 -10.59 19.07
CA PHE A 139 -25.25 -10.05 18.80
C PHE A 139 -24.69 -9.34 20.02
N GLU A 140 -23.40 -9.50 20.25
CA GLU A 140 -22.71 -8.66 21.25
C GLU A 140 -22.17 -7.42 20.59
N VAL A 141 -22.52 -6.25 21.13
CA VAL A 141 -22.18 -4.98 20.47
C VAL A 141 -21.61 -4.09 21.57
N TRP A 142 -20.51 -3.40 21.29
CA TRP A 142 -19.97 -2.40 22.23
C TRP A 142 -20.21 -1.04 21.61
N ILE A 143 -20.30 -0.02 22.43
CA ILE A 143 -20.49 1.33 21.94
C ILE A 143 -19.13 2.02 21.89
N GLU A 144 -18.81 2.63 20.77
CA GLU A 144 -17.50 3.31 20.63
C GLU A 144 -17.65 4.76 21.13
N ILE A 145 -16.64 5.19 21.88
CA ILE A 145 -16.65 6.48 22.53
C ILE A 145 -15.50 7.27 21.87
N ASP A 146 -15.80 8.55 21.58
CA ASP A 146 -14.85 9.47 21.04
C ASP A 146 -14.28 10.22 22.26
N THR A 147 -13.00 9.99 22.61
CA THR A 147 -12.50 10.64 23.85
C THR A 147 -11.50 11.77 23.52
N ASP A 148 -11.15 11.88 22.24
CA ASP A 148 -10.19 12.88 21.83
C ASP A 148 -10.45 13.60 20.49
N GLY A 149 -11.61 13.38 19.84
CA GLY A 149 -11.99 14.07 18.58
C GLY A 149 -11.29 13.55 17.32
N HIS A 150 -10.65 12.39 17.39
CA HIS A 150 -9.84 11.88 16.31
C HIS A 150 -10.59 11.24 15.14
N ARG A 151 -11.66 10.49 15.41
CA ARG A 151 -12.25 9.58 14.39
C ARG A 151 -13.73 9.29 14.79
N SER A 152 -14.10 8.00 14.98
CA SER A 152 -15.51 7.63 15.29
C SER A 152 -15.85 7.78 16.78
N GLY A 153 -17.13 7.61 17.09
CA GLY A 153 -17.54 7.45 18.45
C GLY A 153 -18.49 8.51 18.96
N VAL A 154 -19.26 8.10 19.94
CA VAL A 154 -20.15 8.95 20.73
C VAL A 154 -19.27 9.85 21.62
N GLY A 155 -19.49 11.17 21.56
CA GLY A 155 -18.84 12.17 22.45
C GLY A 155 -18.87 11.63 23.88
N ALA A 156 -17.73 11.61 24.56
CA ALA A 156 -17.66 11.16 25.97
C ALA A 156 -18.67 11.94 26.89
N ASP A 157 -18.95 13.18 26.62
CA ASP A 157 -20.06 13.73 27.47
C ASP A 157 -21.44 13.83 26.79
N ASP A 158 -21.59 13.18 25.63
CA ASP A 158 -22.89 13.09 24.93
C ASP A 158 -23.77 11.96 25.48
N THR A 159 -24.21 12.09 26.73
CA THR A 159 -25.03 11.10 27.42
C THR A 159 -26.33 10.73 26.68
N PRO A 160 -27.09 11.73 26.16
CA PRO A 160 -28.35 11.28 25.55
C PRO A 160 -28.13 10.30 24.38
N LEU A 161 -27.14 10.55 23.53
CA LEU A 161 -26.80 9.65 22.44
C LEU A 161 -26.35 8.24 22.96
N LEU A 162 -25.43 8.25 23.92
CA LEU A 162 -24.92 7.02 24.54
C LEU A 162 -26.09 6.15 25.04
N LEU A 163 -27.00 6.75 25.82
CA LEU A 163 -28.06 5.98 26.35
C LEU A 163 -28.96 5.41 25.21
N ALA A 164 -29.17 6.24 24.20
CA ALA A 164 -30.15 5.95 23.15
C ALA A 164 -29.71 4.73 22.50
N ILE A 165 -28.38 4.69 22.23
CA ILE A 165 -27.79 3.55 21.63
C ILE A 165 -27.87 2.37 22.63
N GLY A 166 -27.52 2.62 23.90
CA GLY A 166 -27.50 1.55 24.86
C GLY A 166 -28.88 0.90 24.98
N ARG A 167 -29.92 1.74 25.00
CA ARG A 167 -31.29 1.22 25.15
CA ARG A 167 -31.31 1.29 25.14
C ARG A 167 -31.70 0.46 23.89
N THR A 168 -31.33 0.97 22.72
CA THR A 168 -31.65 0.30 21.45
C THR A 168 -31.12 -1.12 21.48
N LEU A 169 -29.87 -1.26 21.89
CA LEU A 169 -29.25 -2.58 21.95
C LEU A 169 -29.87 -3.47 23.03
N HIS A 170 -29.94 -2.99 24.25
CA HIS A 170 -30.37 -3.83 25.37
C HIS A 170 -31.85 -4.11 25.29
N ASP A 171 -32.64 -3.08 25.02
CA ASP A 171 -34.08 -3.29 24.91
C ASP A 171 -34.43 -4.07 23.64
N GLY A 172 -33.56 -4.00 22.63
CA GLY A 172 -33.73 -4.75 21.39
C GLY A 172 -33.37 -6.24 21.45
N GLY A 173 -32.91 -6.70 22.63
CA GLY A 173 -32.55 -8.11 22.86
C GLY A 173 -31.11 -8.45 22.49
N MET A 174 -30.27 -7.44 22.21
CA MET A 174 -28.84 -7.67 21.90
C MET A 174 -28.08 -7.68 23.23
N ARG A 175 -26.83 -8.12 23.21
CA ARG A 175 -25.99 -8.12 24.37
C ARG A 175 -25.16 -6.86 24.30
N LEU A 176 -25.45 -5.92 25.18
CA LEU A 176 -24.63 -4.71 25.23
C LEU A 176 -23.40 -5.06 26.04
N GLY A 177 -22.26 -5.21 25.37
CA GLY A 177 -21.16 -5.90 26.05
C GLY A 177 -20.13 -4.96 26.64
N GLY A 178 -20.19 -3.66 26.32
CA GLY A 178 -19.07 -2.81 26.76
C GLY A 178 -18.95 -1.48 26.02
N VAL A 179 -17.94 -0.68 26.36
CA VAL A 179 -17.65 0.54 25.62
C VAL A 179 -16.18 0.44 25.22
N LEU A 180 -15.82 1.13 24.15
CA LEU A 180 -14.41 1.11 23.78
C LEU A 180 -14.04 2.47 23.24
N THR A 181 -12.76 2.81 23.33
CA THR A 181 -12.32 4.05 22.69
C THR A 181 -10.95 3.82 22.13
N HIS A 182 -10.57 4.64 21.12
CA HIS A 182 -9.20 4.62 20.63
C HIS A 182 -8.68 6.06 20.52
N ALA A 183 -7.67 6.42 21.33
CA ALA A 183 -7.23 7.79 21.37
C ALA A 183 -6.12 7.94 20.32
N GLY A 184 -6.52 7.83 19.06
CA GLY A 184 -5.59 7.94 17.93
C GLY A 184 -4.88 9.30 17.76
N SER A 185 -5.33 10.35 18.43
CA SER A 185 -4.60 11.66 18.39
C SER A 185 -3.24 11.53 19.04
N SER A 186 -3.02 10.43 19.78
CA SER A 186 -1.69 10.19 20.44
C SER A 186 -0.55 10.24 19.42
N TYR A 187 -0.89 9.95 18.17
CA TYR A 187 0.09 9.95 17.07
C TYR A 187 0.63 11.33 16.76
N GLU A 188 -0.03 12.36 17.19
CA GLU A 188 0.49 13.73 16.98
C GLU A 188 1.40 14.22 18.14
N LEU A 189 1.55 13.41 19.18
CA LEU A 189 2.34 13.82 20.33
C LEU A 189 3.74 13.32 20.31
N ASP A 190 4.61 13.91 21.13
CA ASP A 190 5.99 13.44 21.09
C ASP A 190 6.70 13.74 22.42
N THR A 191 5.92 13.96 23.46
CA THR A 191 6.50 14.11 24.82
C THR A 191 5.78 13.13 25.82
N PRO A 192 6.51 12.62 26.85
CA PRO A 192 5.90 11.82 27.95
C PRO A 192 4.69 12.49 28.67
N GLU A 193 4.76 13.80 28.92
CA GLU A 193 3.72 14.50 29.69
C GLU A 193 2.47 14.52 28.84
N ALA A 194 2.64 14.84 27.55
CA ALA A 194 1.46 14.91 26.67
C ALA A 194 0.79 13.54 26.50
N LEU A 195 1.58 12.50 26.27
CA LEU A 195 1.04 11.14 26.15
C LEU A 195 0.36 10.69 27.40
N GLN A 196 0.99 10.98 28.54
CA GLN A 196 0.34 10.62 29.83
C GLN A 196 -1.01 11.34 29.99
N ALA A 197 -1.05 12.65 29.69
CA ALA A 197 -2.32 13.37 29.86
C ALA A 197 -3.42 12.82 28.90
N LEU A 198 -3.04 12.49 27.67
CA LEU A 198 -3.99 11.94 26.67
C LEU A 198 -4.45 10.54 27.11
N ALA A 199 -3.51 9.71 27.59
CA ALA A 199 -3.89 8.36 28.13
C ALA A 199 -4.90 8.52 29.24
N GLU A 200 -4.75 9.57 30.09
CA GLU A 200 -5.72 9.77 31.17
C GLU A 200 -7.09 10.23 30.67
N ARG A 201 -7.07 11.07 29.65
CA ARG A 201 -8.28 11.59 29.10
C ARG A 201 -9.01 10.45 28.38
N GLU A 202 -8.22 9.53 27.79
CA GLU A 202 -8.78 8.37 27.12
C GLU A 202 -9.46 7.45 28.17
N ARG A 203 -8.72 7.13 29.23
CA ARG A 203 -9.27 6.32 30.33
C ARG A 203 -10.54 6.97 30.90
N ALA A 204 -10.39 8.23 31.31
CA ALA A 204 -11.48 8.95 31.98
C ALA A 204 -12.76 8.98 31.16
N GLY A 205 -12.62 9.31 29.89
CA GLY A 205 -13.80 9.42 29.08
C GLY A 205 -14.44 8.05 28.84
N CYS A 206 -13.63 6.99 28.59
CA CYS A 206 -14.22 5.65 28.41
C CYS A 206 -14.95 5.22 29.69
N VAL A 207 -14.31 5.46 30.85
CA VAL A 207 -14.97 5.08 32.15
C VAL A 207 -16.26 5.85 32.43
N GLN A 208 -16.20 7.14 32.15
CA GLN A 208 -17.34 8.02 32.30
C GLN A 208 -18.56 7.42 31.56
N ALA A 209 -18.28 6.96 30.35
CA ALA A 209 -19.36 6.43 29.49
C ALA A 209 -19.88 5.13 30.08
N ALA A 210 -18.98 4.22 30.51
CA ALA A 210 -19.44 2.98 31.23
C ALA A 210 -20.29 3.33 32.45
N GLU A 211 -19.84 4.29 33.25
CA GLU A 211 -20.61 4.66 34.46
C GLU A 211 -22.00 5.24 34.12
N ALA A 212 -22.08 6.00 33.03
CA ALA A 212 -23.34 6.59 32.65
C ALA A 212 -24.32 5.47 32.17
N LEU A 213 -23.85 4.47 31.39
CA LEU A 213 -24.69 3.31 31.07
C LEU A 213 -25.18 2.58 32.33
N ARG A 214 -24.25 2.30 33.24
CA ARG A 214 -24.57 1.56 34.47
C ARG A 214 -25.58 2.37 35.31
N ALA A 215 -25.37 3.68 35.44
CA ALA A 215 -26.28 4.49 36.25
C ALA A 215 -27.71 4.46 35.69
N ALA A 216 -27.90 4.29 34.39
CA ALA A 216 -29.27 4.15 33.79
C ALA A 216 -29.78 2.68 33.90
N GLY A 217 -29.15 1.77 34.63
CA GLY A 217 -29.64 0.32 34.63
C GLY A 217 -29.15 -0.52 33.38
N LEU A 218 -28.18 -0.05 32.59
CA LEU A 218 -27.74 -0.86 31.40
C LEU A 218 -26.44 -1.61 31.70
N PRO A 219 -26.26 -2.84 31.13
CA PRO A 219 -25.02 -3.57 31.40
C PRO A 219 -23.84 -2.90 30.65
N CYS A 220 -22.64 -2.91 31.24
CA CYS A 220 -21.46 -2.41 30.50
C CYS A 220 -20.21 -3.16 31.07
N PRO A 221 -20.12 -4.49 30.82
CA PRO A 221 -19.07 -5.14 31.61
C PRO A 221 -17.63 -4.86 31.12
N VAL A 222 -17.44 -4.49 29.85
CA VAL A 222 -16.10 -4.27 29.31
C VAL A 222 -15.88 -2.78 29.14
N VAL A 223 -14.71 -2.28 29.53
CA VAL A 223 -14.26 -0.90 29.26
C VAL A 223 -12.89 -1.12 28.55
N SER A 224 -12.81 -0.80 27.26
CA SER A 224 -11.64 -1.17 26.46
C SER A 224 -11.06 0.14 25.90
N VAL A 225 -9.78 0.40 26.13
CA VAL A 225 -9.13 1.65 25.63
C VAL A 225 -7.90 1.22 24.82
N GLY A 226 -7.31 2.14 24.04
CA GLY A 226 -5.90 1.97 23.74
C GLY A 226 -5.44 2.42 22.34
N SER A 227 -4.16 2.81 22.30
CA SER A 227 -3.39 2.92 21.05
C SER A 227 -2.03 2.47 21.58
N THR A 228 -1.05 2.18 20.73
CA THR A 228 0.25 1.78 21.32
C THR A 228 0.84 2.89 22.22
N PRO A 229 0.85 4.16 21.75
CA PRO A 229 1.44 5.19 22.60
C PRO A 229 0.74 5.35 23.93
N THR A 230 -0.61 5.39 23.94
CA THR A 230 -1.25 5.58 25.27
C THR A 230 -1.15 4.32 26.15
N ALA A 231 -1.07 3.13 25.52
CA ALA A 231 -0.96 1.89 26.32
C ALA A 231 0.34 1.96 27.08
N LEU A 232 1.39 2.42 26.41
CA LEU A 232 2.73 2.50 27.05
C LEU A 232 2.91 3.71 27.99
N ALA A 233 2.13 4.77 27.84
CA ALA A 233 2.27 6.00 28.67
C ALA A 233 1.37 6.11 29.88
N ALA A 234 0.26 5.36 29.90
CA ALA A 234 -0.76 5.58 30.89
C ALA A 234 -0.20 5.33 32.27
N SER A 235 -0.46 6.26 33.16
CA SER A 235 0.11 6.07 34.47
C SER A 235 -0.81 5.16 35.29
N ARG A 236 -2.12 5.22 35.10
CA ARG A 236 -3.04 4.31 35.77
CA ARG A 236 -3.11 4.41 35.82
C ARG A 236 -4.26 4.06 34.87
N LEU A 237 -4.94 2.95 35.13
CA LEU A 237 -6.02 2.48 34.23
C LEU A 237 -7.24 2.03 35.05
N ASP A 238 -7.44 2.66 36.22
CA ASP A 238 -8.61 2.36 37.03
C ASP A 238 -9.87 2.38 36.17
N GLY A 239 -10.76 1.38 36.33
CA GLY A 239 -12.05 1.34 35.64
C GLY A 239 -11.97 0.67 34.25
N VAL A 240 -10.76 0.41 33.75
CA VAL A 240 -10.57 -0.21 32.44
C VAL A 240 -10.43 -1.77 32.59
N THR A 241 -11.01 -2.55 31.65
CA THR A 241 -10.87 -3.98 31.76
CA THR A 241 -10.94 -3.99 31.68
C THR A 241 -9.80 -4.54 30.76
N GLU A 242 -9.55 -3.83 29.62
CA GLU A 242 -8.59 -4.27 28.65
C GLU A 242 -8.01 -3.09 27.85
N VAL A 243 -6.86 -3.35 27.27
CA VAL A 243 -6.17 -2.36 26.44
C VAL A 243 -5.97 -3.01 25.15
N ARG A 244 -6.20 -2.25 24.08
CA ARG A 244 -5.95 -2.76 22.71
C ARG A 244 -4.72 -2.03 22.16
N ALA A 245 -3.78 -2.76 21.62
CA ALA A 245 -2.56 -2.17 20.99
C ALA A 245 -2.11 -3.11 19.93
N GLY A 246 -1.54 -2.58 18.85
CA GLY A 246 -1.16 -3.48 17.77
C GLY A 246 0.25 -3.18 17.25
N VAL A 247 0.57 -1.90 16.95
CA VAL A 247 1.84 -1.66 16.18
C VAL A 247 3.12 -1.99 17.04
N TYR A 248 2.95 -1.97 18.36
CA TYR A 248 4.07 -2.26 19.30
C TYR A 248 4.71 -3.60 19.03
N VAL A 249 3.96 -4.55 18.43
CA VAL A 249 4.56 -5.88 18.21
C VAL A 249 5.89 -5.79 17.38
N PHE A 250 5.95 -4.85 16.42
CA PHE A 250 7.19 -4.60 15.69
C PHE A 250 7.81 -3.23 15.97
N PHE A 251 6.96 -2.23 16.37
CA PHE A 251 7.36 -0.78 16.39
C PHE A 251 7.77 -0.31 14.99
N ASP A 252 8.08 0.97 14.89
CA ASP A 252 8.44 1.61 13.61
C ASP A 252 9.03 2.98 13.93
N LEU A 253 9.38 3.76 12.92
CA LEU A 253 10.02 5.05 13.16
C LEU A 253 9.00 6.08 13.62
N VAL A 254 7.71 5.97 13.22
CA VAL A 254 6.75 6.95 13.78
C VAL A 254 6.71 6.76 15.32
N MET A 255 6.68 5.50 15.78
CA MET A 255 6.62 5.23 17.24
C MET A 255 7.88 5.75 17.87
N ARG A 256 9.02 5.58 17.19
CA ARG A 256 10.28 6.06 17.73
C ARG A 256 10.22 7.55 17.95
N ASN A 257 9.73 8.26 16.92
CA ASN A 257 9.61 9.74 17.05
C ASN A 257 8.55 10.19 18.12
N ILE A 258 7.49 9.41 18.27
CA ILE A 258 6.53 9.67 19.37
C ILE A 258 7.27 9.57 20.72
N GLY A 259 8.28 8.68 20.78
CA GLY A 259 9.15 8.57 21.96
C GLY A 259 8.89 7.29 22.73
N VAL A 260 8.12 6.35 22.20
CA VAL A 260 7.75 5.16 23.00
C VAL A 260 8.67 3.96 22.67
N CYS A 261 9.61 4.15 21.73
CA CYS A 261 10.58 3.08 21.50
C CYS A 261 11.85 3.72 20.91
N ALA A 262 12.89 2.88 20.75
CA ALA A 262 14.15 3.31 20.09
C ALA A 262 14.19 2.70 18.75
N ALA A 263 14.97 3.26 17.82
CA ALA A 263 15.03 2.65 16.48
C ALA A 263 15.51 1.16 16.59
N GLU A 264 16.41 0.92 17.55
CA GLU A 264 16.94 -0.46 17.81
C GLU A 264 15.87 -1.45 18.23
N ASP A 265 14.70 -0.99 18.68
CA ASP A 265 13.63 -1.90 19.11
C ASP A 265 12.74 -2.31 17.93
N VAL A 266 12.93 -1.72 16.73
CA VAL A 266 12.02 -1.95 15.61
C VAL A 266 12.34 -3.35 15.06
N ALA A 267 11.36 -4.26 15.08
CA ALA A 267 11.60 -5.69 14.79
C ALA A 267 11.30 -6.01 13.30
N LEU A 268 10.74 -5.06 12.55
CA LEU A 268 10.40 -5.30 11.14
C LEU A 268 11.35 -4.45 10.31
N SER A 269 12.02 -5.08 9.35
CA SER A 269 12.83 -4.31 8.39
C SER A 269 12.60 -4.92 7.00
N VAL A 270 12.89 -4.13 5.98
CA VAL A 270 12.83 -4.59 4.59
C VAL A 270 14.25 -4.84 4.05
N LEU A 271 14.51 -6.10 3.73
CA LEU A 271 15.83 -6.52 3.24
C LEU A 271 15.85 -6.08 1.73
N ALA A 272 16.87 -5.37 1.32
CA ALA A 272 16.90 -4.76 -0.03
C ALA A 272 18.28 -5.01 -0.61
N THR A 273 18.36 -5.06 -1.94
CA THR A 273 19.68 -5.14 -2.60
C THR A 273 20.00 -3.81 -3.33
N VAL A 274 21.27 -3.38 -3.23
CA VAL A 274 21.78 -2.26 -4.05
C VAL A 274 21.88 -2.74 -5.52
N ILE A 275 21.12 -2.09 -6.41
CA ILE A 275 21.11 -2.48 -7.87
C ILE A 275 21.78 -1.44 -8.73
N GLY A 276 22.27 -0.32 -8.17
CA GLY A 276 23.04 0.65 -8.97
C GLY A 276 23.29 1.90 -8.13
N HIS A 277 23.78 2.97 -8.82
CA HIS A 277 24.19 4.19 -8.14
C HIS A 277 23.95 5.37 -9.04
N GLN A 278 23.89 6.53 -8.42
CA GLN A 278 24.15 7.80 -9.16
C GLN A 278 25.27 8.47 -8.42
N ALA A 279 26.50 8.26 -8.90
CA ALA A 279 27.66 8.55 -8.08
C ALA A 279 27.82 10.08 -7.87
N ASP A 280 27.51 10.86 -8.89
CA ASP A 280 27.41 12.32 -8.85
C ASP A 280 26.67 12.89 -7.67
N LYS A 281 25.54 12.29 -7.42
CA LYS A 281 24.60 12.74 -6.38
C LYS A 281 24.78 11.98 -5.09
N GLY A 282 25.70 11.02 -5.08
CA GLY A 282 25.92 10.15 -3.85
C GLY A 282 24.70 9.27 -3.54
N TRP A 283 24.00 8.77 -4.59
CA TRP A 283 22.92 7.86 -4.38
C TRP A 283 23.29 6.41 -4.58
N ALA A 284 22.72 5.55 -3.75
CA ALA A 284 22.77 4.10 -4.13
C ALA A 284 21.30 3.79 -4.41
N ILE A 285 21.05 3.05 -5.48
CA ILE A 285 19.64 2.68 -5.79
C ILE A 285 19.43 1.27 -5.25
N VAL A 286 18.30 1.08 -4.54
CA VAL A 286 17.97 -0.24 -3.99
C VAL A 286 16.68 -0.75 -4.63
N ASP A 287 16.43 -2.05 -4.49
CA ASP A 287 15.23 -2.65 -5.07
C ASP A 287 14.01 -2.66 -4.09
N ALA A 288 14.11 -1.84 -3.03
CA ALA A 288 12.98 -1.57 -2.14
C ALA A 288 12.47 -0.15 -2.48
N GLY A 289 11.47 -0.07 -3.36
CA GLY A 289 10.79 1.23 -3.60
C GLY A 289 9.55 1.41 -2.71
N TRP A 290 8.61 2.31 -3.06
CA TRP A 290 7.42 2.43 -2.26
C TRP A 290 6.52 1.23 -2.37
N MET A 291 6.62 0.38 -3.43
CA MET A 291 5.79 -0.86 -3.41
C MET A 291 6.24 -1.77 -2.25
N ALA A 292 7.55 -1.70 -1.90
CA ALA A 292 8.01 -2.50 -0.71
C ALA A 292 7.75 -1.69 0.61
N MET A 293 8.11 -0.39 0.64
CA MET A 293 8.05 0.33 1.91
C MET A 293 6.62 0.83 2.22
N SER A 294 5.74 0.86 1.20
CA SER A 294 4.51 1.66 1.17
C SER A 294 4.80 3.14 0.99
N ARG A 295 3.73 3.88 0.67
CA ARG A 295 3.82 5.32 0.54
C ARG A 295 3.74 6.08 1.87
N ASP A 296 3.69 5.37 3.00
CA ASP A 296 3.59 6.05 4.29
C ASP A 296 4.79 6.93 4.57
N ARG A 297 4.54 8.22 4.80
CA ARG A 297 5.58 9.21 5.14
C ARG A 297 5.27 9.90 6.48
N GLY A 298 4.80 9.07 7.43
CA GLY A 298 4.34 9.63 8.76
C GLY A 298 5.46 10.39 9.42
N THR A 299 6.75 9.99 9.22
CA THR A 299 7.81 10.76 9.90
C THR A 299 8.07 12.17 9.33
N ALA A 300 7.55 12.47 8.13
CA ALA A 300 7.78 13.79 7.52
C ALA A 300 7.19 14.90 8.39
N ARG A 301 6.16 14.61 9.14
CA ARG A 301 5.56 15.65 9.98
C ARG A 301 6.03 15.58 11.44
N GLN A 302 7.09 14.81 11.71
CA GLN A 302 7.60 14.65 13.08
C GLN A 302 8.91 15.36 13.21
N LYS A 303 9.57 15.21 14.35
CA LYS A 303 10.79 16.01 14.58
C LYS A 303 12.05 15.49 13.85
N GLN A 304 12.03 14.24 13.43
CA GLN A 304 13.09 13.73 12.54
C GLN A 304 12.46 12.97 11.34
N ASP A 305 12.72 13.51 10.16
CA ASP A 305 12.07 12.91 8.95
C ASP A 305 12.98 11.79 8.47
N PHE A 306 12.49 10.58 8.30
CA PHE A 306 13.35 9.46 7.85
C PHE A 306 13.12 9.07 6.38
N GLY A 307 12.49 9.96 5.60
CA GLY A 307 12.23 9.69 4.16
C GLY A 307 11.40 8.41 4.09
N TYR A 308 11.78 7.49 3.18
CA TYR A 308 11.06 6.21 3.03
C TYR A 308 11.70 5.11 3.87
N GLY A 309 12.56 5.51 4.78
CA GLY A 309 13.01 4.49 5.80
C GLY A 309 14.46 4.64 6.24
N GLN A 310 14.79 4.12 7.44
CA GLN A 310 16.13 4.31 8.00
C GLN A 310 16.96 3.13 7.53
N VAL A 311 18.13 3.37 6.98
CA VAL A 311 19.02 2.28 6.53
C VAL A 311 19.73 1.64 7.72
N CYS A 312 19.83 0.28 7.61
CA CYS A 312 20.62 -0.54 8.56
C CYS A 312 21.44 -1.51 7.70
N ASP A 313 22.53 -2.01 8.24
CA ASP A 313 23.32 -3.01 7.48
C ASP A 313 22.65 -4.38 7.58
N LEU A 314 23.27 -5.38 6.95
CA LEU A 314 22.59 -6.68 6.81
C LEU A 314 22.44 -7.32 8.20
N GLN A 315 23.37 -6.98 9.13
CA GLN A 315 23.22 -7.43 10.53
C GLN A 315 22.17 -6.73 11.34
N GLY A 316 21.53 -5.72 10.79
CA GLY A 316 20.49 -4.97 11.53
C GLY A 316 21.10 -3.78 12.28
N ARG A 317 22.37 -3.43 12.08
CA ARG A 317 22.88 -2.26 12.84
C ARG A 317 22.36 -1.01 12.15
N VAL A 318 21.84 -0.06 12.92
CA VAL A 318 21.29 1.16 12.28
C VAL A 318 22.46 1.96 11.77
N MET A 319 22.28 2.62 10.62
CA MET A 319 23.35 3.44 10.01
C MET A 319 22.80 4.87 9.98
N PRO A 320 22.94 5.60 11.10
CA PRO A 320 22.28 6.89 11.16
C PRO A 320 22.77 7.76 10.05
N GLY A 321 21.92 8.66 9.56
CA GLY A 321 22.51 9.51 8.50
C GLY A 321 22.36 8.98 7.06
N PHE A 322 22.06 7.68 6.89
CA PHE A 322 21.63 7.19 5.57
C PHE A 322 20.14 6.84 5.69
N VAL A 323 19.33 7.32 4.75
CA VAL A 323 17.90 6.96 4.73
C VAL A 323 17.52 6.80 3.26
N LEU A 324 16.31 6.34 3.00
CA LEU A 324 15.81 6.37 1.58
C LEU A 324 15.24 7.78 1.39
N THR A 325 15.99 8.63 0.76
CA THR A 325 15.52 10.01 0.59
C THR A 325 14.42 10.06 -0.47
N GLY A 326 14.27 9.04 -1.29
CA GLY A 326 13.20 9.16 -2.35
C GLY A 326 12.81 7.72 -2.67
N ALA A 327 11.71 7.53 -3.38
CA ALA A 327 11.33 6.13 -3.79
C ALA A 327 10.38 6.22 -5.01
N ASN A 328 10.63 5.37 -5.97
CA ASN A 328 9.65 5.14 -7.00
C ASN A 328 9.08 3.73 -6.75
N GLN A 329 8.33 3.17 -7.70
CA GLN A 329 7.53 1.99 -7.32
C GLN A 329 8.47 0.84 -6.87
N GLU A 330 9.48 0.56 -7.70
CA GLU A 330 10.35 -0.62 -7.40
C GLU A 330 11.79 -0.17 -7.22
N HIS A 331 12.01 1.13 -7.03
CA HIS A 331 13.40 1.65 -6.87
C HIS A 331 13.41 2.53 -5.66
N GLY A 332 14.33 2.31 -4.72
CA GLY A 332 14.47 3.23 -3.55
C GLY A 332 15.77 4.01 -3.74
N ILE A 333 15.77 5.29 -3.34
CA ILE A 333 16.98 6.08 -3.48
C ILE A 333 17.60 6.25 -2.12
N LEU A 334 18.72 5.61 -1.88
CA LEU A 334 19.40 5.69 -0.59
C LEU A 334 20.42 6.81 -0.65
N ALA A 335 20.43 7.73 0.30
CA ALA A 335 21.41 8.80 0.20
C ALA A 335 21.62 9.38 1.60
N ARG A 336 22.46 10.41 1.70
CA ARG A 336 22.71 10.97 3.06
C ARG A 336 21.49 11.81 3.48
N ALA A 337 21.04 11.65 4.72
CA ALA A 337 20.02 12.51 5.27
C ALA A 337 20.49 13.95 5.31
N ASP A 338 21.79 14.26 5.39
CA ASP A 338 22.17 15.67 5.51
C ASP A 338 22.22 16.36 4.15
N GLY A 339 21.73 15.69 3.11
CA GLY A 339 21.72 16.28 1.76
C GLY A 339 23.04 16.40 1.06
N ALA A 340 24.17 15.97 1.65
CA ALA A 340 25.42 16.08 0.93
C ALA A 340 25.48 14.90 -0.06
N ALA A 341 26.36 14.99 -1.03
CA ALA A 341 26.54 13.87 -1.97
C ALA A 341 27.68 13.00 -1.41
N GLU A 342 27.34 11.84 -0.85
CA GLU A 342 28.36 10.94 -0.37
C GLU A 342 29.42 10.72 -1.46
N ALA A 343 30.68 10.93 -1.14
CA ALA A 343 31.69 10.73 -2.20
C ALA A 343 31.90 9.20 -2.44
N ASP A 344 32.17 8.76 -3.63
CA ASP A 344 32.29 7.28 -3.76
C ASP A 344 31.27 6.33 -2.99
N ILE A 345 30.01 6.66 -3.20
CA ILE A 345 28.94 5.87 -2.64
C ILE A 345 29.06 4.43 -3.22
N ALA A 346 29.58 4.28 -4.42
CA ALA A 346 29.64 2.91 -5.06
C ALA A 346 30.71 1.99 -4.39
N THR A 347 31.77 2.62 -3.91
CA THR A 347 32.84 1.91 -3.19
C THR A 347 32.32 1.45 -1.79
N ARG A 348 31.47 2.25 -1.16
CA ARG A 348 30.89 1.90 0.11
C ARG A 348 29.79 0.81 0.00
N PHE A 349 28.94 0.90 -1.05
CA PHE A 349 27.80 0.00 -1.18
C PHE A 349 27.90 -0.62 -2.56
N PRO A 350 28.86 -1.54 -2.78
CA PRO A 350 28.94 -2.08 -4.15
C PRO A 350 27.68 -2.79 -4.59
N LEU A 351 27.52 -2.87 -5.93
CA LEU A 351 26.37 -3.67 -6.52
C LEU A 351 26.17 -4.99 -5.80
N GLY A 352 24.95 -5.28 -5.39
CA GLY A 352 24.64 -6.58 -4.81
C GLY A 352 24.62 -6.48 -3.29
N THR A 353 25.13 -5.37 -2.76
CA THR A 353 25.18 -5.21 -1.22
C THR A 353 23.77 -5.30 -0.68
N ARG A 354 23.57 -6.08 0.38
CA ARG A 354 22.23 -6.07 0.99
C ARG A 354 22.15 -5.21 2.25
N LEU A 355 21.01 -4.56 2.43
CA LEU A 355 20.79 -3.61 3.55
C LEU A 355 19.38 -3.93 4.09
N ARG A 356 19.05 -3.38 5.24
CA ARG A 356 17.71 -3.56 5.80
C ARG A 356 17.14 -2.21 6.09
N ILE A 357 15.88 -2.01 5.71
CA ILE A 357 15.33 -0.66 5.87
C ILE A 357 14.21 -0.65 6.94
N LEU A 358 14.36 0.22 7.96
CA LEU A 358 13.23 0.31 8.97
C LEU A 358 12.12 1.19 8.39
N PRO A 359 10.85 0.79 8.63
CA PRO A 359 9.70 1.47 8.07
C PRO A 359 9.25 2.69 8.89
N ASN A 360 8.66 3.64 8.16
CA ASN A 360 7.91 4.68 8.83
C ASN A 360 6.78 4.06 9.65
N ALA A 361 5.98 3.23 9.01
CA ALA A 361 4.77 2.70 9.61
C ALA A 361 4.76 1.20 9.39
N ALA A 362 4.92 0.42 10.47
CA ALA A 362 4.97 -1.05 10.29
C ALA A 362 3.67 -1.63 9.71
N CYS A 363 2.51 -1.07 10.08
CA CYS A 363 1.22 -1.62 9.58
C CYS A 363 1.14 -1.44 8.05
N ALA A 364 1.65 -0.31 7.53
CA ALA A 364 1.55 -0.02 6.10
C ALA A 364 2.59 -0.87 5.33
N THR A 365 3.82 -0.87 5.83
CA THR A 365 4.88 -1.60 5.18
C THR A 365 4.53 -3.12 5.16
N GLY A 366 4.06 -3.69 6.28
CA GLY A 366 3.83 -5.11 6.29
C GLY A 366 2.76 -5.51 5.25
N ALA A 367 1.75 -4.66 5.07
CA ALA A 367 0.66 -4.93 4.13
C ALA A 367 1.13 -5.07 2.70
N GLN A 368 2.32 -4.53 2.39
CA GLN A 368 2.85 -4.67 1.04
CA GLN A 368 2.85 -4.66 1.03
C GLN A 368 3.33 -6.08 0.69
N PHE A 369 3.46 -6.96 1.71
CA PHE A 369 4.08 -8.28 1.45
C PHE A 369 3.09 -9.43 1.67
N PRO A 370 3.22 -10.45 0.83
CA PRO A 370 2.35 -11.60 1.05
C PRO A 370 2.74 -12.37 2.32
N ALA A 371 3.99 -12.15 2.82
CA ALA A 371 4.50 -12.93 3.97
C ALA A 371 5.66 -12.22 4.60
N TYR A 372 5.93 -12.56 5.87
CA TYR A 372 7.18 -12.13 6.53
C TYR A 372 8.18 -13.29 6.46
N GLN A 373 9.46 -12.94 6.65
CA GLN A 373 10.51 -13.89 6.80
C GLN A 373 10.91 -13.80 8.29
N ALA A 374 10.64 -14.84 9.09
CA ALA A 374 10.78 -14.73 10.51
C ALA A 374 12.26 -15.20 10.78
N LEU A 375 13.11 -14.30 11.27
CA LEU A 375 14.53 -14.54 11.41
C LEU A 375 14.86 -15.01 12.84
N ALA A 376 15.40 -16.20 12.95
CA ALA A 376 15.74 -16.84 14.22
C ALA A 376 17.17 -16.45 14.60
N ALA A 377 17.53 -16.79 15.84
CA ALA A 377 18.88 -16.53 16.37
C ALA A 377 20.03 -17.13 15.53
N ASP A 378 19.89 -18.33 14.97
CA ASP A 378 20.95 -18.92 14.13
C ASP A 378 21.06 -18.34 12.70
N GLY A 379 20.25 -17.31 12.37
CA GLY A 379 20.36 -16.65 11.03
C GLY A 379 19.40 -17.30 10.00
N SER A 380 18.72 -18.38 10.37
CA SER A 380 17.77 -19.06 9.49
C SER A 380 16.42 -18.28 9.48
N VAL A 381 15.65 -18.44 8.38
CA VAL A 381 14.37 -17.76 8.33
C VAL A 381 13.23 -18.80 8.06
N GLN A 382 12.04 -18.48 8.50
CA GLN A 382 10.84 -19.28 8.18
C GLN A 382 9.81 -18.25 7.62
N THR A 383 9.15 -18.65 6.51
CA THR A 383 8.17 -17.77 5.92
C THR A 383 6.84 -17.87 6.68
N TRP A 384 6.30 -16.71 7.06
CA TRP A 384 5.05 -16.59 7.84
C TRP A 384 4.08 -15.74 7.02
N GLU A 385 3.15 -16.45 6.38
CA GLU A 385 2.20 -15.75 5.54
C GLU A 385 1.36 -14.76 6.31
N ARG A 386 0.86 -13.76 5.59
CA ARG A 386 -0.09 -12.83 6.25
C ARG A 386 -1.19 -12.48 5.23
N LEU A 387 -2.25 -11.85 5.71
CA LEU A 387 -3.46 -11.64 4.88
C LEU A 387 -3.34 -10.34 4.07
N HIS A 388 -3.98 -10.32 2.91
CA HIS A 388 -4.07 -9.13 2.05
C HIS A 388 -5.54 -9.00 1.68
N GLY A 389 -6.13 -7.80 1.67
CA GLY A 389 -7.48 -7.63 1.05
C GLY A 389 -8.63 -7.78 2.04
N TRP A 390 -9.87 -8.04 1.51
CA TRP A 390 -11.06 -7.94 2.36
C TRP A 390 -11.90 -9.15 2.14
N HIS B 3 -29.45 -24.28 -16.62
CA HIS B 3 -28.65 -24.94 -15.54
C HIS B 3 -27.44 -24.13 -15.17
N HIS B 4 -26.44 -24.11 -16.09
CA HIS B 4 -25.27 -23.20 -15.98
C HIS B 4 -25.70 -21.75 -15.97
N HIS B 5 -26.59 -21.39 -16.92
CA HIS B 5 -27.19 -20.05 -16.97
C HIS B 5 -27.86 -19.61 -15.66
N HIS B 6 -28.89 -20.36 -15.21
CA HIS B 6 -29.69 -20.01 -13.99
C HIS B 6 -28.83 -19.82 -12.73
N HIS B 7 -27.85 -20.73 -12.55
CA HIS B 7 -26.91 -20.65 -11.42
C HIS B 7 -25.99 -19.47 -11.46
N ALA B 8 -25.40 -19.17 -12.63
CA ALA B 8 -24.51 -17.98 -12.81
C ALA B 8 -25.21 -16.60 -12.60
N MET B 9 -26.48 -16.45 -13.04
CA MET B 9 -27.28 -15.22 -12.77
C MET B 9 -27.45 -15.01 -11.29
N SER B 10 -27.87 -16.07 -10.60
CA SER B 10 -28.22 -15.99 -9.19
C SER B 10 -26.95 -15.89 -8.34
N MET B 11 -25.80 -15.89 -9.02
CA MET B 11 -24.47 -15.73 -8.41
C MET B 11 -23.74 -14.44 -8.80
N GLN B 12 -24.17 -13.75 -9.87
CA GLN B 12 -23.35 -12.62 -10.40
C GLN B 12 -23.52 -11.28 -9.66
N ASP B 13 -22.39 -10.67 -9.32
CA ASP B 13 -22.41 -9.42 -8.51
C ASP B 13 -22.62 -8.09 -9.31
N THR B 14 -22.98 -7.05 -8.60
CA THR B 14 -23.17 -5.68 -9.15
C THR B 14 -22.55 -4.78 -8.08
N LEU B 15 -22.57 -3.45 -8.28
CA LEU B 15 -21.99 -2.57 -7.28
C LEU B 15 -22.83 -2.53 -6.00
N LEU B 16 -24.06 -3.05 -6.03
CA LEU B 16 -24.86 -3.06 -4.82
C LEU B 16 -24.63 -4.27 -4.00
N THR B 17 -24.09 -5.32 -4.59
CA THR B 17 -23.95 -6.60 -3.87
C THR B 17 -22.51 -6.86 -3.46
N LEU B 18 -21.55 -6.19 -4.05
CA LEU B 18 -20.15 -6.39 -3.65
C LEU B 18 -19.92 -6.02 -2.19
N ASP B 19 -18.97 -6.66 -1.53
CA ASP B 19 -18.53 -6.12 -0.24
C ASP B 19 -17.59 -4.90 -0.50
N THR B 20 -17.52 -4.01 0.49
CA THR B 20 -16.65 -2.83 0.31
C THR B 20 -15.53 -2.91 1.37
N PRO B 21 -14.36 -2.30 1.12
CA PRO B 21 -14.06 -1.55 -0.09
C PRO B 21 -13.69 -2.53 -1.27
N ALA B 22 -13.89 -2.07 -2.52
CA ALA B 22 -13.60 -2.88 -3.73
C ALA B 22 -12.98 -1.97 -4.79
N ALA B 23 -12.04 -2.49 -5.58
CA ALA B 23 -11.42 -1.70 -6.65
C ALA B 23 -12.20 -2.00 -7.95
N VAL B 24 -12.85 -1.02 -8.51
CA VAL B 24 -13.74 -1.19 -9.64
C VAL B 24 -13.06 -0.61 -10.88
N ILE B 25 -12.98 -1.42 -11.94
CA ILE B 25 -12.60 -0.88 -13.25
C ILE B 25 -13.84 -0.64 -14.11
N ASP B 26 -14.03 0.60 -14.56
CA ASP B 26 -15.12 0.90 -15.48
C ASP B 26 -14.52 0.48 -16.83
N LEU B 27 -15.02 -0.62 -17.37
CA LEU B 27 -14.35 -1.22 -18.54
C LEU B 27 -14.51 -0.32 -19.79
N ASP B 28 -15.64 0.36 -19.90
CA ASP B 28 -15.79 1.28 -21.02
C ASP B 28 -14.71 2.40 -20.96
N ARG B 29 -14.46 3.00 -19.78
CA ARG B 29 -13.39 4.03 -19.67
C ARG B 29 -12.02 3.41 -19.93
N MET B 30 -11.82 2.22 -19.37
CA MET B 30 -10.54 1.54 -19.61
C MET B 30 -10.31 1.33 -21.15
N GLN B 31 -11.32 0.84 -21.87
CA GLN B 31 -11.15 0.64 -23.31
C GLN B 31 -10.84 1.92 -24.05
N ARG B 32 -11.48 3.02 -23.65
CA ARG B 32 -11.22 4.33 -24.30
C ARG B 32 -9.78 4.75 -24.03
N ASN B 33 -9.30 4.56 -22.81
CA ASN B 33 -7.88 4.87 -22.52
C ASN B 33 -6.86 4.03 -23.35
N ILE B 34 -7.15 2.72 -23.46
CA ILE B 34 -6.31 1.78 -24.23
C ILE B 34 -6.31 2.24 -25.72
N ALA B 35 -7.48 2.60 -26.26
CA ALA B 35 -7.55 3.01 -27.70
C ALA B 35 -6.78 4.31 -27.91
N ARG B 36 -6.97 5.26 -26.99
CA ARG B 36 -6.37 6.57 -27.16
C ARG B 36 -4.83 6.45 -27.27
N MET B 37 -4.24 5.71 -26.32
CA MET B 37 -2.78 5.56 -26.31
C MET B 37 -2.31 4.77 -27.52
N GLN B 38 -2.98 3.63 -27.82
CA GLN B 38 -2.53 2.84 -28.97
C GLN B 38 -2.64 3.69 -30.29
N GLN B 39 -3.71 4.46 -30.45
CA GLN B 39 -3.89 5.28 -31.69
C GLN B 39 -2.80 6.33 -31.76
N ARG B 40 -2.48 6.93 -30.63
CA ARG B 40 -1.41 7.92 -30.64
C ARG B 40 -0.05 7.32 -31.08
N MET B 41 0.31 6.15 -30.54
CA MET B 41 1.57 5.52 -30.94
C MET B 41 1.51 5.07 -32.39
N ASP B 42 0.35 4.56 -32.85
CA ASP B 42 0.20 4.24 -34.29
C ASP B 42 0.38 5.52 -35.15
N ALA B 43 -0.21 6.65 -34.71
CA ALA B 43 0.01 7.93 -35.43
C ALA B 43 1.51 8.26 -35.52
N GLN B 44 2.24 8.02 -34.44
CA GLN B 44 3.70 8.26 -34.37
C GLN B 44 4.57 7.21 -35.12
N GLY B 45 4.00 6.08 -35.54
CA GLY B 45 4.74 4.97 -36.19
C GLY B 45 5.69 4.27 -35.21
N VAL B 46 5.32 4.21 -33.93
CA VAL B 46 6.16 3.56 -32.91
C VAL B 46 5.31 2.45 -32.24
N ARG B 47 5.99 1.44 -31.71
CA ARG B 47 5.29 0.34 -31.01
C ARG B 47 4.89 0.85 -29.61
N LEU B 48 3.86 0.24 -29.03
CA LEU B 48 3.54 0.53 -27.62
C LEU B 48 3.87 -0.73 -26.82
N ARG B 49 4.72 -0.62 -25.80
CA ARG B 49 5.08 -1.78 -24.93
C ARG B 49 4.55 -1.36 -23.49
N PRO B 50 3.28 -1.65 -23.21
CA PRO B 50 2.59 -1.15 -22.01
C PRO B 50 3.33 -1.68 -20.78
N HIS B 51 3.42 -0.83 -19.79
CA HIS B 51 3.99 -1.26 -18.51
C HIS B 51 2.86 -1.82 -17.65
N VAL B 52 2.89 -3.12 -17.50
CA VAL B 52 1.81 -3.84 -16.73
C VAL B 52 1.91 -3.71 -15.20
N LYS B 53 2.88 -2.95 -14.71
CA LYS B 53 2.99 -2.77 -13.25
C LYS B 53 1.76 -2.03 -12.70
N THR B 54 1.06 -1.28 -13.58
CA THR B 54 -0.12 -0.53 -13.09
C THR B 54 -1.24 -1.53 -12.63
N SER B 55 -1.49 -2.59 -13.40
CA SER B 55 -2.61 -3.48 -13.09
C SER B 55 -2.14 -4.83 -12.60
N LYS B 56 -0.96 -5.28 -13.08
CA LYS B 56 -0.55 -6.66 -12.93
C LYS B 56 -1.69 -7.68 -13.10
N SER B 57 -2.54 -7.47 -14.13
CA SER B 57 -3.73 -8.31 -14.24
C SER B 57 -3.77 -8.83 -15.69
N VAL B 58 -3.82 -10.14 -15.86
CA VAL B 58 -3.81 -10.79 -17.18
C VAL B 58 -4.90 -10.22 -18.11
N PRO B 59 -6.15 -10.12 -17.65
CA PRO B 59 -7.23 -9.65 -18.60
C PRO B 59 -7.04 -8.17 -19.01
N VAL B 60 -6.41 -7.35 -18.16
CA VAL B 60 -6.12 -5.97 -18.51
C VAL B 60 -4.99 -5.94 -19.59
N ALA B 61 -3.88 -6.69 -19.35
CA ALA B 61 -2.86 -6.80 -20.36
C ALA B 61 -3.41 -7.41 -21.68
N ALA B 62 -4.34 -8.36 -21.57
CA ALA B 62 -4.91 -8.97 -22.78
C ALA B 62 -5.64 -7.89 -23.62
N ALA B 63 -6.36 -6.98 -22.96
CA ALA B 63 -7.04 -5.90 -23.65
C ALA B 63 -6.05 -4.97 -24.33
N GLN B 64 -4.93 -4.69 -23.66
CA GLN B 64 -3.91 -3.85 -24.25
C GLN B 64 -3.27 -4.55 -25.48
N ARG B 65 -3.01 -5.83 -25.37
CA ARG B 65 -2.49 -6.61 -26.53
C ARG B 65 -3.50 -6.66 -27.67
N ALA B 66 -4.77 -6.97 -27.33
CA ALA B 66 -5.87 -6.98 -28.33
C ALA B 66 -5.94 -5.66 -29.14
N ALA B 67 -5.63 -4.51 -28.52
CA ALA B 67 -5.77 -3.21 -29.20
C ALA B 67 -4.51 -2.89 -30.07
N GLY B 68 -3.43 -3.66 -29.92
CA GLY B 68 -2.27 -3.50 -30.84
C GLY B 68 -0.93 -3.42 -30.13
N ALA B 69 -0.86 -3.70 -28.79
CA ALA B 69 0.40 -3.49 -28.05
C ALA B 69 1.43 -4.51 -28.46
N SER B 70 2.73 -4.20 -28.39
CA SER B 70 3.78 -5.18 -28.77
C SER B 70 4.62 -5.48 -27.52
N GLY B 71 4.37 -6.67 -26.92
CA GLY B 71 5.19 -7.06 -25.73
C GLY B 71 4.74 -6.22 -24.54
N ILE B 72 5.46 -6.40 -23.42
CA ILE B 72 5.07 -5.69 -22.22
C ILE B 72 6.35 -5.31 -21.48
N THR B 73 6.23 -4.34 -20.55
CA THR B 73 7.31 -4.03 -19.62
C THR B 73 6.78 -4.50 -18.25
N VAL B 74 7.71 -5.04 -17.46
CA VAL B 74 7.36 -5.53 -16.07
C VAL B 74 8.37 -4.90 -15.12
N SER B 75 7.94 -4.78 -13.86
CA SER B 75 8.78 -4.14 -12.83
C SER B 75 9.34 -5.19 -11.85
N THR B 76 9.04 -6.46 -12.03
CA THR B 76 9.52 -7.54 -11.15
C THR B 76 9.61 -8.81 -12.02
N LEU B 77 10.42 -9.75 -11.61
CA LEU B 77 10.42 -11.01 -12.33
C LEU B 77 9.17 -11.80 -11.98
N LYS B 78 8.49 -11.49 -10.85
CA LYS B 78 7.24 -12.20 -10.53
CA LYS B 78 7.26 -12.23 -10.56
C LYS B 78 6.22 -11.91 -11.66
N GLU B 79 6.19 -10.66 -12.07
CA GLU B 79 5.33 -10.21 -13.18
C GLU B 79 5.77 -10.96 -14.44
N ALA B 80 7.07 -11.02 -14.72
CA ALA B 80 7.49 -11.76 -15.94
C ALA B 80 7.02 -13.23 -15.90
N GLU B 81 7.19 -13.90 -14.73
CA GLU B 81 6.72 -15.26 -14.56
C GLU B 81 5.21 -15.40 -14.86
N GLN B 82 4.40 -14.54 -14.26
CA GLN B 82 2.93 -14.63 -14.37
C GLN B 82 2.50 -14.36 -15.81
N PHE B 83 3.02 -13.31 -16.43
CA PHE B 83 2.55 -13.00 -17.81
C PHE B 83 3.10 -13.99 -18.83
N PHE B 84 4.33 -14.47 -18.60
CA PHE B 84 4.85 -15.57 -19.47
C PHE B 84 3.99 -16.80 -19.41
N ALA B 85 3.61 -17.22 -18.18
CA ALA B 85 2.72 -18.40 -18.01
C ALA B 85 1.37 -18.15 -18.72
N ALA B 86 0.94 -16.88 -18.75
CA ALA B 86 -0.35 -16.50 -19.42
C ALA B 86 -0.17 -16.29 -20.94
N GLY B 87 1.02 -16.49 -21.48
CA GLY B 87 1.19 -16.48 -22.96
C GLY B 87 1.97 -15.30 -23.56
N THR B 88 2.45 -14.36 -22.75
CA THR B 88 3.28 -13.27 -23.26
C THR B 88 4.77 -13.69 -23.28
N THR B 89 5.36 -13.60 -24.44
CA THR B 89 6.75 -14.02 -24.60
C THR B 89 7.64 -12.81 -24.68
N ASP B 90 7.12 -11.65 -25.09
CA ASP B 90 8.02 -10.51 -25.32
C ASP B 90 8.00 -9.60 -24.08
N ILE B 91 9.03 -9.72 -23.23
CA ILE B 91 8.90 -9.13 -21.87
C ILE B 91 10.22 -8.38 -21.60
N LEU B 92 10.07 -7.10 -21.25
CA LEU B 92 11.20 -6.25 -20.82
C LEU B 92 11.09 -6.06 -19.28
N TYR B 93 12.09 -6.57 -18.54
CA TYR B 93 12.18 -6.33 -17.04
C TYR B 93 12.95 -5.04 -16.85
N ALA B 94 12.22 -3.90 -16.65
CA ALA B 94 12.81 -2.56 -16.79
C ALA B 94 13.21 -2.06 -15.36
N VAL B 95 14.02 -2.85 -14.64
CA VAL B 95 14.66 -2.40 -13.35
C VAL B 95 16.09 -2.95 -13.44
N SER B 96 17.05 -2.09 -13.14
CA SER B 96 18.50 -2.39 -13.11
CA SER B 96 18.47 -2.44 -13.21
C SER B 96 18.68 -3.81 -12.59
N MET B 97 19.30 -4.70 -13.37
CA MET B 97 19.33 -6.11 -13.01
C MET B 97 20.25 -6.39 -11.80
N ALA B 98 19.73 -7.09 -10.81
CA ALA B 98 20.51 -7.55 -9.66
C ALA B 98 21.16 -8.88 -10.11
N PRO B 99 22.48 -9.03 -9.88
CA PRO B 99 23.08 -10.27 -10.24
C PRO B 99 22.42 -11.49 -9.60
N HIS B 100 22.00 -11.40 -8.33
CA HIS B 100 21.47 -12.61 -7.71
C HIS B 100 20.14 -13.09 -8.40
N ARG B 101 19.52 -12.23 -9.19
CA ARG B 101 18.29 -12.69 -9.89
C ARG B 101 18.62 -13.39 -11.20
N LEU B 102 19.91 -13.47 -11.55
CA LEU B 102 20.27 -14.03 -12.87
C LEU B 102 19.78 -15.52 -13.11
N PRO B 103 19.84 -16.39 -12.09
CA PRO B 103 19.30 -17.74 -12.30
C PRO B 103 17.81 -17.72 -12.65
N GLN B 104 17.03 -16.86 -12.02
CA GLN B 104 15.58 -16.83 -12.37
C GLN B 104 15.39 -16.28 -13.85
N ALA B 105 16.17 -15.27 -14.22
CA ALA B 105 16.07 -14.68 -15.58
C ALA B 105 16.49 -15.76 -16.61
N LEU B 106 17.56 -16.49 -16.31
CA LEU B 106 17.98 -17.60 -17.14
C LEU B 106 16.87 -18.63 -17.29
N GLN B 107 16.28 -19.06 -16.19
CA GLN B 107 15.28 -20.15 -16.26
C GLN B 107 14.08 -19.70 -17.17
N LEU B 108 13.63 -18.47 -16.99
CA LEU B 108 12.55 -17.87 -17.85
C LEU B 108 12.94 -17.94 -19.36
N ARG B 109 14.16 -17.47 -19.69
CA ARG B 109 14.60 -17.57 -21.10
C ARG B 109 14.65 -19.03 -21.54
N ARG B 110 15.17 -19.98 -20.71
CA ARG B 110 15.27 -21.38 -21.10
CA ARG B 110 15.29 -21.35 -21.18
C ARG B 110 13.89 -21.99 -21.40
N ARG B 111 12.88 -21.49 -20.70
CA ARG B 111 11.48 -22.00 -20.88
C ARG B 111 10.84 -21.34 -22.11
N GLY B 112 11.47 -20.36 -22.77
CA GLY B 112 10.89 -19.75 -23.99
C GLY B 112 10.47 -18.30 -23.85
N CYS B 113 10.77 -17.64 -22.74
CA CYS B 113 10.40 -16.25 -22.58
C CYS B 113 11.49 -15.40 -23.17
N ASP B 114 11.15 -14.46 -24.03
CA ASP B 114 12.20 -13.67 -24.69
C ASP B 114 12.41 -12.48 -23.75
N LEU B 115 13.04 -12.75 -22.61
CA LEU B 115 13.05 -11.79 -21.50
C LEU B 115 14.24 -10.85 -21.72
N LYS B 116 14.02 -9.54 -21.66
CA LYS B 116 15.11 -8.60 -21.81
C LYS B 116 15.44 -8.02 -20.44
N LEU B 117 16.73 -7.76 -20.20
CA LEU B 117 17.18 -7.21 -18.89
C LEU B 117 17.81 -5.84 -19.17
N ILE B 118 17.96 -5.03 -18.13
CA ILE B 118 18.59 -3.70 -18.37
C ILE B 118 19.71 -3.47 -17.35
N VAL B 119 20.69 -2.70 -17.75
CA VAL B 119 21.79 -2.35 -16.78
C VAL B 119 22.18 -0.89 -17.02
N ASP B 120 22.93 -0.34 -16.09
CA ASP B 120 23.51 0.99 -16.25
C ASP B 120 24.93 1.11 -15.68
N SER B 121 25.66 -0.03 -15.53
CA SER B 121 26.96 0.03 -14.92
C SER B 121 27.81 -1.04 -15.56
N VAL B 122 29.10 -0.81 -15.53
CA VAL B 122 30.02 -1.79 -16.09
C VAL B 122 29.95 -3.09 -15.17
N ALA B 123 29.88 -2.87 -13.86
CA ALA B 123 29.81 -4.08 -12.93
C ALA B 123 28.57 -4.97 -13.25
N ALA B 124 27.40 -4.36 -13.51
CA ALA B 124 26.22 -5.24 -13.73
C ALA B 124 26.38 -5.93 -15.10
N ALA B 125 26.95 -5.23 -16.09
CA ALA B 125 27.22 -5.82 -17.42
C ALA B 125 28.24 -6.96 -17.27
N GLN B 126 29.27 -6.80 -16.43
CA GLN B 126 30.26 -7.87 -16.28
C GLN B 126 29.56 -9.10 -15.61
N ALA B 127 28.69 -8.86 -14.63
CA ALA B 127 28.05 -9.98 -13.92
C ALA B 127 27.18 -10.79 -14.93
N ILE B 128 26.41 -10.09 -15.73
CA ILE B 128 25.53 -10.75 -16.69
C ILE B 128 26.40 -11.51 -17.69
N ALA B 129 27.40 -10.86 -18.29
CA ALA B 129 28.19 -11.51 -19.30
C ALA B 129 28.92 -12.74 -18.73
N ALA B 130 29.42 -12.64 -17.50
CA ALA B 130 30.18 -13.78 -16.91
C ALA B 130 29.19 -14.96 -16.71
N PHE B 131 28.01 -14.65 -16.21
CA PHE B 131 27.04 -15.71 -15.96
C PHE B 131 26.53 -16.34 -17.28
N GLY B 132 26.25 -15.45 -18.26
CA GLY B 132 25.90 -15.91 -19.61
C GLY B 132 26.94 -16.86 -20.20
N ARG B 133 28.20 -16.49 -20.12
CA ARG B 133 29.25 -17.40 -20.59
C ARG B 133 29.26 -18.71 -19.82
N GLU B 134 29.17 -18.67 -18.52
CA GLU B 134 29.24 -19.90 -17.78
C GLU B 134 28.02 -20.81 -18.12
N GLN B 135 26.87 -20.20 -18.32
CA GLN B 135 25.62 -20.96 -18.58
C GLN B 135 25.27 -21.17 -20.06
N GLY B 136 26.09 -20.67 -20.97
CA GLY B 136 25.92 -20.75 -22.46
C GLY B 136 24.63 -19.98 -22.86
N GLU B 137 24.43 -18.76 -22.35
CA GLU B 137 23.20 -18.01 -22.58
C GLU B 137 23.61 -16.62 -23.03
N ALA B 138 23.23 -16.24 -24.26
CA ALA B 138 23.42 -14.86 -24.76
C ALA B 138 22.23 -14.01 -24.30
N PHE B 139 22.31 -13.50 -23.06
CA PHE B 139 21.20 -12.66 -22.56
C PHE B 139 21.09 -11.45 -23.44
N GLU B 140 19.82 -10.96 -23.59
CA GLU B 140 19.61 -9.68 -24.23
C GLU B 140 19.59 -8.62 -23.15
N VAL B 141 20.38 -7.53 -23.33
CA VAL B 141 20.48 -6.51 -22.31
C VAL B 141 20.42 -5.17 -23.00
N TRP B 142 19.62 -4.27 -22.41
CA TRP B 142 19.60 -2.90 -22.88
C TRP B 142 20.20 -1.98 -21.88
N ILE B 143 20.69 -0.88 -22.36
CA ILE B 143 21.39 0.07 -21.45
C ILE B 143 20.40 1.20 -21.08
N GLU B 144 20.22 1.37 -19.77
CA GLU B 144 19.34 2.47 -19.28
C GLU B 144 19.99 3.81 -19.26
N ILE B 145 19.31 4.83 -19.78
CA ILE B 145 19.89 6.16 -19.99
C ILE B 145 19.11 7.10 -19.07
N ASP B 146 19.87 7.99 -18.46
CA ASP B 146 19.31 9.07 -17.66
C ASP B 146 19.16 10.29 -18.55
N THR B 147 17.93 10.67 -18.88
CA THR B 147 17.74 11.82 -19.81
C THR B 147 17.20 13.03 -19.06
N ASP B 148 16.77 12.81 -17.84
CA ASP B 148 16.25 13.95 -17.02
C ASP B 148 16.66 14.07 -15.52
N GLY B 149 17.59 13.23 -14.97
CA GLY B 149 18.10 13.43 -13.59
C GLY B 149 17.23 12.79 -12.51
N HIS B 150 16.19 12.11 -12.94
CA HIS B 150 15.17 11.54 -12.08
C HIS B 150 15.62 10.39 -11.20
N ARG B 151 16.31 9.37 -11.74
CA ARG B 151 16.44 8.01 -11.15
C ARG B 151 17.70 7.25 -11.78
N SER B 152 17.53 6.07 -12.35
CA SER B 152 18.76 5.29 -12.67
C SER B 152 19.27 5.86 -14.06
N GLY B 153 20.41 5.34 -14.47
CA GLY B 153 20.80 5.38 -15.87
C GLY B 153 22.10 6.12 -16.11
N VAL B 154 22.68 5.72 -17.26
CA VAL B 154 23.92 6.35 -17.74
C VAL B 154 23.53 7.71 -18.36
N GLY B 155 24.30 8.74 -18.04
CA GLY B 155 24.04 10.09 -18.68
C GLY B 155 24.06 9.92 -20.21
N ALA B 156 23.09 10.54 -20.86
CA ALA B 156 23.01 10.45 -22.33
C ALA B 156 24.30 10.99 -23.00
N ASP B 157 24.98 11.92 -22.37
CA ASP B 157 26.23 12.44 -22.96
C ASP B 157 27.51 11.76 -22.40
N ASP B 158 27.33 10.67 -21.67
CA ASP B 158 28.53 10.01 -21.04
C ASP B 158 28.99 8.91 -21.98
N THR B 159 29.62 9.34 -23.06
CA THR B 159 30.01 8.40 -24.08
C THR B 159 31.02 7.35 -23.53
N PRO B 160 31.96 7.79 -22.70
CA PRO B 160 32.94 6.75 -22.28
C PRO B 160 32.26 5.63 -21.47
N LEU B 161 31.28 5.97 -20.63
CA LEU B 161 30.63 4.89 -19.81
C LEU B 161 29.69 4.06 -20.67
N LEU B 162 28.97 4.73 -21.57
CA LEU B 162 28.09 4.00 -22.53
C LEU B 162 28.88 3.01 -23.29
N LEU B 163 30.02 3.43 -23.83
CA LEU B 163 30.85 2.52 -24.64
C LEU B 163 31.48 1.38 -23.80
N ALA B 164 31.88 1.71 -22.58
CA ALA B 164 32.45 0.67 -21.70
C ALA B 164 31.39 -0.42 -21.37
N ILE B 165 30.17 0.00 -21.11
CA ILE B 165 29.10 -0.95 -20.79
C ILE B 165 28.72 -1.70 -22.07
N GLY B 166 28.59 -0.97 -23.20
CA GLY B 166 28.18 -1.65 -24.44
C GLY B 166 29.28 -2.68 -24.88
N ARG B 167 30.56 -2.33 -24.81
CA ARG B 167 31.60 -3.26 -25.18
C ARG B 167 31.67 -4.45 -24.20
N THR B 168 31.45 -4.19 -22.92
CA THR B 168 31.49 -5.30 -21.93
C THR B 168 30.39 -6.34 -22.35
N LEU B 169 29.20 -5.84 -22.66
CA LEU B 169 28.13 -6.77 -23.12
C LEU B 169 28.45 -7.46 -24.45
N HIS B 170 28.83 -6.66 -25.42
CA HIS B 170 29.07 -7.18 -26.81
C HIS B 170 30.28 -8.08 -26.92
N ASP B 171 31.41 -7.63 -26.39
CA ASP B 171 32.60 -8.49 -26.30
C ASP B 171 32.36 -9.72 -25.48
N GLY B 172 31.47 -9.65 -24.50
CA GLY B 172 31.31 -10.77 -23.60
C GLY B 172 30.31 -11.73 -24.21
N GLY B 173 29.87 -11.50 -25.43
CA GLY B 173 28.94 -12.41 -26.12
C GLY B 173 27.44 -12.32 -25.79
N MET B 174 27.06 -11.24 -25.12
CA MET B 174 25.65 -10.94 -24.85
C MET B 174 25.07 -10.15 -26.00
N ARG B 175 23.75 -10.06 -26.06
CA ARG B 175 23.14 -9.34 -27.16
C ARG B 175 22.82 -7.96 -26.62
N LEU B 176 23.58 -6.95 -27.06
CA LEU B 176 23.25 -5.56 -26.67
C LEU B 176 22.04 -5.15 -27.53
N GLY B 177 20.86 -5.03 -26.91
CA GLY B 177 19.61 -5.05 -27.70
C GLY B 177 19.06 -3.65 -27.91
N GLY B 178 19.58 -2.66 -27.17
CA GLY B 178 18.92 -1.35 -27.25
C GLY B 178 19.32 -0.44 -26.07
N VAL B 179 18.70 0.73 -26.04
CA VAL B 179 18.72 1.64 -24.90
C VAL B 179 17.29 1.98 -24.48
N LEU B 180 17.11 2.35 -23.21
CA LEU B 180 15.78 2.80 -22.76
C LEU B 180 15.95 3.97 -21.82
N THR B 181 14.91 4.79 -21.73
CA THR B 181 14.91 5.81 -20.67
C THR B 181 13.51 6.03 -20.22
N HIS B 182 13.38 6.59 -19.01
CA HIS B 182 12.02 6.93 -18.47
C HIS B 182 12.10 8.31 -17.91
N ALA B 183 11.37 9.30 -18.50
CA ALA B 183 11.54 10.69 -18.03
C ALA B 183 10.52 10.89 -16.89
N GLY B 184 10.82 10.32 -15.70
CA GLY B 184 9.84 10.38 -14.56
C GLY B 184 9.71 11.77 -13.95
N SER B 185 10.59 12.68 -14.35
CA SER B 185 10.46 14.09 -13.89
C SER B 185 9.20 14.73 -14.51
N SER B 186 8.57 14.04 -15.46
CA SER B 186 7.31 14.62 -16.08
C SER B 186 6.24 14.76 -15.01
N TYR B 187 6.37 13.96 -13.95
CA TYR B 187 5.35 14.03 -12.83
C TYR B 187 5.34 15.35 -12.07
N GLU B 188 6.40 16.15 -12.24
CA GLU B 188 6.48 17.45 -11.59
C GLU B 188 5.84 18.55 -12.44
N LEU B 189 5.38 18.24 -13.67
CA LEU B 189 4.95 19.35 -14.59
C LEU B 189 3.47 19.40 -14.67
N ASP B 190 2.96 20.51 -15.17
CA ASP B 190 1.54 20.63 -15.28
C ASP B 190 1.05 21.56 -16.38
N THR B 191 1.87 21.74 -17.42
CA THR B 191 1.48 22.57 -18.58
C THR B 191 1.80 21.80 -19.86
N PRO B 192 0.99 22.00 -20.96
CA PRO B 192 1.37 21.25 -22.19
C PRO B 192 2.75 21.61 -22.74
N GLU B 193 3.14 22.89 -22.64
CA GLU B 193 4.48 23.34 -23.05
C GLU B 193 5.65 22.61 -22.41
N ALA B 194 5.59 22.52 -21.08
CA ALA B 194 6.64 21.92 -20.27
C ALA B 194 6.69 20.44 -20.60
N LEU B 195 5.51 19.81 -20.71
CA LEU B 195 5.50 18.38 -21.02
C LEU B 195 6.04 18.06 -22.41
N GLN B 196 5.64 18.85 -23.40
CA GLN B 196 6.19 18.72 -24.74
C GLN B 196 7.74 18.85 -24.76
N ALA B 197 8.28 19.86 -24.06
CA ALA B 197 9.72 20.11 -24.02
C ALA B 197 10.42 18.92 -23.34
N LEU B 198 9.82 18.39 -22.27
CA LEU B 198 10.44 17.23 -21.57
C LEU B 198 10.37 15.98 -22.46
N ALA B 199 9.20 15.72 -23.09
CA ALA B 199 9.12 14.56 -24.01
C ALA B 199 10.22 14.66 -25.08
N GLU B 200 10.50 15.87 -25.57
CA GLU B 200 11.56 16.11 -26.60
C GLU B 200 12.96 15.84 -26.03
N ARG B 201 13.19 16.27 -24.80
CA ARG B 201 14.45 15.97 -24.12
C ARG B 201 14.64 14.46 -23.93
N GLU B 202 13.57 13.76 -23.51
CA GLU B 202 13.63 12.30 -23.32
C GLU B 202 13.96 11.60 -24.66
N ARG B 203 13.27 12.03 -25.74
CA ARG B 203 13.50 11.40 -27.03
C ARG B 203 14.95 11.67 -27.48
N ALA B 204 15.32 12.97 -27.46
CA ALA B 204 16.64 13.44 -27.94
C ALA B 204 17.81 12.74 -27.18
N GLY B 205 17.65 12.62 -25.88
CA GLY B 205 18.72 12.03 -25.07
C GLY B 205 18.78 10.53 -25.31
N CYS B 206 17.65 9.82 -25.40
CA CYS B 206 17.74 8.37 -25.58
C CYS B 206 18.33 8.09 -27.00
N VAL B 207 17.83 8.82 -28.00
CA VAL B 207 18.40 8.70 -29.37
C VAL B 207 19.91 9.07 -29.39
N GLN B 208 20.27 10.10 -28.70
CA GLN B 208 21.72 10.49 -28.63
C GLN B 208 22.56 9.31 -28.11
N ALA B 209 22.06 8.60 -27.07
CA ALA B 209 22.85 7.49 -26.48
C ALA B 209 22.93 6.34 -27.52
N ALA B 210 21.79 6.03 -28.20
CA ALA B 210 21.77 4.98 -29.24
C ALA B 210 22.80 5.37 -30.35
N GLU B 211 22.82 6.63 -30.74
CA GLU B 211 23.71 7.05 -31.84
C GLU B 211 25.19 6.97 -31.46
N ALA B 212 25.46 7.21 -30.18
CA ALA B 212 26.92 7.12 -29.69
C ALA B 212 27.33 5.64 -29.69
N LEU B 213 26.46 4.74 -29.25
CA LEU B 213 26.80 3.29 -29.29
C LEU B 213 27.04 2.85 -30.74
N ARG B 214 26.11 3.26 -31.62
CA ARG B 214 26.27 2.85 -33.05
C ARG B 214 27.47 3.46 -33.68
N ALA B 215 27.75 4.73 -33.33
CA ALA B 215 28.95 5.36 -33.87
C ALA B 215 30.22 4.56 -33.49
N ALA B 216 30.23 3.92 -32.32
CA ALA B 216 31.38 3.09 -31.91
C ALA B 216 31.32 1.70 -32.49
N GLY B 217 30.38 1.39 -33.39
CA GLY B 217 30.37 0.06 -33.98
C GLY B 217 29.59 -0.94 -33.17
N LEU B 218 28.81 -0.48 -32.17
CA LEU B 218 28.01 -1.44 -31.34
C LEU B 218 26.56 -1.48 -31.81
N PRO B 219 25.88 -2.65 -31.74
CA PRO B 219 24.49 -2.68 -32.14
C PRO B 219 23.62 -1.94 -31.13
N CYS B 220 22.52 -1.34 -31.62
CA CYS B 220 21.61 -0.72 -30.63
C CYS B 220 20.28 -0.58 -31.38
N PRO B 221 19.64 -1.74 -31.70
CA PRO B 221 18.50 -1.65 -32.62
C PRO B 221 17.27 -1.08 -31.94
N VAL B 222 17.05 -1.28 -30.63
CA VAL B 222 15.84 -0.67 -29.98
C VAL B 222 16.15 0.63 -29.30
N VAL B 223 15.23 1.59 -29.43
CA VAL B 223 15.32 2.85 -28.64
C VAL B 223 13.94 2.98 -27.99
N SER B 224 13.94 2.94 -26.65
CA SER B 224 12.66 2.78 -25.95
C SER B 224 12.51 3.94 -24.97
N VAL B 225 11.42 4.73 -25.07
CA VAL B 225 11.28 5.86 -24.14
C VAL B 225 9.91 5.72 -23.45
N GLY B 226 9.66 6.49 -22.39
CA GLY B 226 8.26 6.77 -22.11
C GLY B 226 7.95 6.89 -20.61
N SER B 227 7.01 7.77 -20.34
CA SER B 227 6.19 7.81 -19.12
C SER B 227 4.78 8.11 -19.75
N THR B 228 3.69 7.95 -18.98
CA THR B 228 2.38 8.30 -19.52
C THR B 228 2.33 9.74 -20.00
N PRO B 229 2.77 10.71 -19.16
CA PRO B 229 2.62 12.11 -19.59
C PRO B 229 3.46 12.43 -20.85
N THR B 230 4.67 11.89 -20.95
CA THR B 230 5.47 12.20 -22.13
C THR B 230 4.98 11.40 -23.35
N ALA B 231 4.45 10.20 -23.14
CA ALA B 231 3.92 9.41 -24.32
C ALA B 231 2.75 10.24 -24.93
N LEU B 232 1.94 10.88 -24.07
CA LEU B 232 0.81 11.69 -24.55
C LEU B 232 1.21 13.06 -25.07
N ALA B 233 2.40 13.54 -24.68
CA ALA B 233 2.70 14.90 -25.07
C ALA B 233 3.77 15.04 -26.20
N ALA B 234 4.47 13.97 -26.56
CA ALA B 234 5.56 14.10 -27.49
C ALA B 234 5.02 14.60 -28.84
N SER B 235 5.62 15.63 -29.44
CA SER B 235 5.10 15.97 -30.73
C SER B 235 5.74 15.10 -31.81
N ARG B 236 6.97 14.64 -31.60
CA ARG B 236 7.72 13.86 -32.60
CA ARG B 236 7.64 13.80 -32.60
C ARG B 236 8.46 12.75 -31.89
N LEU B 237 8.61 11.59 -32.51
CA LEU B 237 9.36 10.47 -31.92
C LEU B 237 10.39 9.90 -32.90
N ASP B 238 10.96 10.74 -33.75
CA ASP B 238 12.07 10.31 -34.60
C ASP B 238 13.17 9.57 -33.88
N GLY B 239 13.59 8.43 -34.42
CA GLY B 239 14.69 7.63 -33.83
C GLY B 239 14.23 6.67 -32.74
N VAL B 240 12.97 6.79 -32.29
CA VAL B 240 12.44 5.90 -31.18
C VAL B 240 11.76 4.68 -31.82
N THR B 241 11.95 3.51 -31.27
CA THR B 241 11.25 2.35 -31.85
C THR B 241 10.00 1.96 -31.04
N GLU B 242 9.97 2.27 -29.72
CA GLU B 242 8.79 1.88 -28.90
C GLU B 242 8.64 2.90 -27.74
N VAL B 243 7.42 3.01 -27.24
CA VAL B 243 7.16 3.87 -26.11
C VAL B 243 6.53 2.95 -25.04
N ARG B 244 6.95 3.18 -23.82
CA ARG B 244 6.41 2.45 -22.65
C ARG B 244 5.51 3.39 -21.86
N ALA B 245 4.30 2.95 -21.52
CA ALA B 245 3.43 3.80 -20.67
C ALA B 245 2.61 2.76 -19.92
N GLY B 246 2.24 3.07 -18.68
CA GLY B 246 1.44 2.10 -17.93
C GLY B 246 0.24 2.68 -17.22
N VAL B 247 0.40 3.83 -16.53
CA VAL B 247 -0.73 4.27 -15.66
C VAL B 247 -1.94 4.72 -16.53
N TYR B 248 -1.70 5.11 -17.80
CA TYR B 248 -2.76 5.53 -18.72
C TYR B 248 -3.92 4.56 -18.80
N VAL B 249 -3.69 3.28 -18.60
CA VAL B 249 -4.76 2.28 -18.82
C VAL B 249 -5.93 2.69 -17.94
N PHE B 250 -5.63 3.18 -16.72
CA PHE B 250 -6.71 3.65 -15.80
C PHE B 250 -6.78 5.14 -15.60
N PHE B 251 -5.61 5.80 -15.66
CA PHE B 251 -5.45 7.20 -15.24
C PHE B 251 -5.77 7.37 -13.73
N ASP B 252 -5.71 8.61 -13.24
CA ASP B 252 -5.84 8.86 -11.80
C ASP B 252 -5.74 10.36 -11.63
N LEU B 253 -5.91 10.85 -10.39
CA LEU B 253 -5.98 12.29 -10.15
C LEU B 253 -4.65 12.99 -10.29
N VAL B 254 -3.55 12.30 -10.01
CA VAL B 254 -2.21 12.91 -10.37
C VAL B 254 -2.11 13.25 -11.89
N MET B 255 -2.49 12.30 -12.73
CA MET B 255 -2.46 12.49 -14.20
CA MET B 255 -2.47 12.46 -14.20
C MET B 255 -3.43 13.58 -14.59
N ARG B 256 -4.62 13.58 -13.96
CA ARG B 256 -5.57 14.67 -14.18
C ARG B 256 -4.93 16.04 -13.88
N ASN B 257 -4.21 16.12 -12.77
CA ASN B 257 -3.58 17.38 -12.39
C ASN B 257 -2.39 17.74 -13.28
N ILE B 258 -1.66 16.73 -13.76
CA ILE B 258 -0.58 16.96 -14.71
C ILE B 258 -1.18 17.58 -16.00
N GLY B 259 -2.43 17.21 -16.28
CA GLY B 259 -3.25 17.76 -17.37
C GLY B 259 -3.37 16.81 -18.58
N VAL B 260 -3.02 15.54 -18.46
CA VAL B 260 -3.09 14.69 -19.63
C VAL B 260 -4.40 13.85 -19.68
N CYS B 261 -5.31 14.08 -18.73
CA CYS B 261 -6.61 13.53 -18.76
C CYS B 261 -7.56 14.36 -17.90
N ALA B 262 -8.83 13.99 -17.92
CA ALA B 262 -9.90 14.59 -17.08
C ALA B 262 -10.25 13.59 -16.02
N ALA B 263 -10.86 14.07 -14.92
CA ALA B 263 -11.37 13.17 -13.88
C ALA B 263 -12.31 12.10 -14.47
N GLU B 264 -13.07 12.43 -15.55
CA GLU B 264 -13.97 11.49 -16.21
C GLU B 264 -13.33 10.44 -17.04
N ASP B 265 -11.99 10.53 -17.25
CA ASP B 265 -11.28 9.47 -17.93
C ASP B 265 -10.76 8.45 -16.88
N VAL B 266 -10.87 8.70 -15.57
CA VAL B 266 -10.26 7.81 -14.60
C VAL B 266 -11.11 6.53 -14.52
N ALA B 267 -10.52 5.36 -14.85
CA ALA B 267 -11.29 4.12 -15.03
C ALA B 267 -11.30 3.32 -13.72
N LEU B 268 -10.40 3.65 -12.77
CA LEU B 268 -10.33 2.93 -11.51
C LEU B 268 -10.90 3.74 -10.39
N SER B 269 -11.82 3.15 -9.63
CA SER B 269 -12.34 3.83 -8.45
C SER B 269 -12.52 2.80 -7.31
N VAL B 270 -12.57 3.31 -6.07
CA VAL B 270 -12.72 2.43 -4.92
C VAL B 270 -14.16 2.57 -4.40
N LEU B 271 -14.90 1.47 -4.44
CA LEU B 271 -16.32 1.42 -3.97
C LEU B 271 -16.23 1.37 -2.42
N ALA B 272 -17.02 2.20 -1.73
CA ALA B 272 -16.90 2.35 -0.28
C ALA B 272 -18.29 2.52 0.28
N THR B 273 -18.47 2.16 1.55
CA THR B 273 -19.76 2.34 2.24
C THR B 273 -19.56 3.34 3.36
N VAL B 274 -20.56 4.21 3.53
CA VAL B 274 -20.63 5.14 4.64
C VAL B 274 -20.97 4.34 5.92
N ILE B 275 -20.10 4.36 6.93
CA ILE B 275 -20.28 3.57 8.16
C ILE B 275 -20.54 4.46 9.39
N GLY B 276 -20.53 5.78 9.22
CA GLY B 276 -20.83 6.62 10.37
C GLY B 276 -20.63 8.07 10.03
N HIS B 277 -20.75 8.93 11.04
CA HIS B 277 -20.56 10.37 10.87
C HIS B 277 -19.98 11.04 12.10
N GLN B 278 -19.43 12.26 11.96
CA GLN B 278 -19.32 13.26 13.06
C GLN B 278 -20.06 14.52 12.58
N ALA B 279 -21.33 14.64 12.91
CA ALA B 279 -22.24 15.59 12.26
C ALA B 279 -21.78 17.01 12.54
N ASP B 280 -21.30 17.29 13.75
CA ASP B 280 -20.91 18.66 14.10
C ASP B 280 -19.65 19.11 13.34
N LYS B 281 -18.83 18.17 12.86
CA LYS B 281 -17.66 18.51 12.04
C LYS B 281 -17.95 18.39 10.52
N GLY B 282 -19.16 17.99 10.14
CA GLY B 282 -19.46 17.71 8.73
C GLY B 282 -18.74 16.51 8.11
N TRP B 283 -18.43 15.48 8.94
CA TRP B 283 -17.77 14.26 8.47
C TRP B 283 -18.70 13.13 8.17
N ALA B 284 -18.48 12.42 7.07
CA ALA B 284 -19.00 11.03 6.91
C ALA B 284 -17.81 10.10 7.02
N ILE B 285 -17.98 8.96 7.67
CA ILE B 285 -16.84 8.05 7.81
C ILE B 285 -17.18 6.90 6.83
N VAL B 286 -16.18 6.45 6.06
CA VAL B 286 -16.42 5.41 5.06
C VAL B 286 -15.47 4.27 5.37
N ASP B 287 -15.72 3.10 4.77
CA ASP B 287 -14.83 1.95 5.06
C ASP B 287 -13.68 1.85 4.08
N ALA B 288 -13.38 2.93 3.32
CA ALA B 288 -12.15 2.95 2.49
C ALA B 288 -11.15 3.85 3.23
N GLY B 289 -10.28 3.27 4.06
CA GLY B 289 -9.15 4.08 4.62
C GLY B 289 -7.91 3.94 3.76
N TRP B 290 -6.72 4.19 4.33
CA TRP B 290 -5.52 4.12 3.48
C TRP B 290 -5.16 2.73 3.09
N MET B 291 -5.70 1.72 3.80
CA MET B 291 -5.40 0.37 3.38
C MET B 291 -6.09 0.13 2.03
N ALA B 292 -7.25 0.72 1.79
CA ALA B 292 -7.84 0.64 0.45
C ALA B 292 -7.27 1.65 -0.56
N MET B 293 -7.13 2.92 -0.13
CA MET B 293 -6.67 3.95 -1.08
C MET B 293 -5.16 3.93 -1.37
N SER B 294 -4.42 3.31 -0.45
CA SER B 294 -2.98 3.48 -0.28
C SER B 294 -2.68 4.82 0.42
N ARG B 295 -1.43 4.93 0.90
CA ARG B 295 -0.98 6.19 1.52
C ARG B 295 -0.55 7.26 0.45
N ASP B 296 -0.73 6.95 -0.87
CA ASP B 296 -0.21 7.90 -1.89
C ASP B 296 -0.97 9.24 -1.79
N ARG B 297 -0.22 10.36 -1.68
CA ARG B 297 -0.84 11.70 -1.61
C ARG B 297 -0.22 12.58 -2.69
N GLY B 298 0.05 11.98 -3.85
CA GLY B 298 0.69 12.75 -4.93
C GLY B 298 -0.02 13.98 -5.31
N THR B 299 -1.35 14.12 -5.06
CA THR B 299 -2.01 15.38 -5.38
C THR B 299 -1.76 16.52 -4.38
N ALA B 300 -1.18 16.21 -3.20
CA ALA B 300 -1.00 17.24 -2.16
C ALA B 300 -0.12 18.38 -2.70
N ARG B 301 0.79 18.10 -3.59
CA ARG B 301 1.57 19.26 -4.01
C ARG B 301 1.29 19.68 -5.46
N GLN B 302 0.16 19.27 -6.03
CA GLN B 302 -0.20 19.74 -7.35
C GLN B 302 -1.19 20.91 -7.22
N LYS B 303 -1.76 21.39 -8.33
CA LYS B 303 -2.65 22.56 -8.35
C LYS B 303 -4.00 22.31 -7.64
N GLN B 304 -4.39 21.07 -7.43
CA GLN B 304 -5.60 20.79 -6.68
C GLN B 304 -5.37 19.53 -5.79
N ASP B 305 -5.51 19.73 -4.49
CA ASP B 305 -5.20 18.58 -3.57
C ASP B 305 -6.51 17.83 -3.36
N PHE B 306 -6.55 16.57 -3.70
CA PHE B 306 -7.73 15.78 -3.52
C PHE B 306 -7.70 14.91 -2.24
N GLY B 307 -6.84 15.22 -1.26
CA GLY B 307 -6.78 14.42 -0.03
C GLY B 307 -6.52 12.97 -0.43
N TYR B 308 -7.20 12.00 0.23
CA TYR B 308 -7.11 10.60 -0.13
C TYR B 308 -8.09 10.18 -1.22
N GLY B 309 -8.75 11.14 -1.85
CA GLY B 309 -9.37 10.78 -3.12
C GLY B 309 -10.64 11.58 -3.35
N GLN B 310 -11.04 11.70 -4.62
CA GLN B 310 -12.23 12.53 -4.95
C GLN B 310 -13.48 11.68 -4.81
N VAL B 311 -14.52 12.18 -4.14
CA VAL B 311 -15.75 11.41 -3.90
C VAL B 311 -16.61 11.45 -5.18
N CYS B 312 -17.13 10.26 -5.55
CA CYS B 312 -18.10 10.14 -6.65
C CYS B 312 -19.35 9.44 -6.14
N ASP B 313 -20.48 9.62 -6.81
CA ASP B 313 -21.65 8.86 -6.40
C ASP B 313 -21.54 7.43 -6.96
N LEU B 314 -22.56 6.62 -6.67
CA LEU B 314 -22.48 5.18 -7.02
C LEU B 314 -22.42 5.03 -8.56
N GLN B 315 -22.93 6.00 -9.28
CA GLN B 315 -22.86 5.98 -10.75
C GLN B 315 -21.50 6.44 -11.28
N GLY B 316 -20.60 6.81 -10.37
CA GLY B 316 -19.27 7.13 -10.83
C GLY B 316 -19.11 8.61 -11.22
N ARG B 317 -20.11 9.43 -10.97
CA ARG B 317 -20.07 10.85 -11.27
C ARG B 317 -19.46 11.65 -10.08
N VAL B 318 -18.51 12.50 -10.39
CA VAL B 318 -17.81 13.25 -9.37
C VAL B 318 -18.78 14.13 -8.58
N MET B 319 -18.60 14.21 -7.26
CA MET B 319 -19.45 15.07 -6.43
C MET B 319 -18.52 16.19 -5.98
N PRO B 320 -18.57 17.35 -6.68
CA PRO B 320 -17.43 18.26 -6.54
C PRO B 320 -17.38 18.86 -5.12
N GLY B 321 -16.18 19.17 -4.65
CA GLY B 321 -16.11 19.74 -3.31
C GLY B 321 -16.02 18.71 -2.15
N PHE B 322 -16.27 17.41 -2.38
CA PHE B 322 -16.18 16.40 -1.29
C PHE B 322 -15.02 15.47 -1.64
N VAL B 323 -14.11 15.30 -0.69
CA VAL B 323 -12.95 14.41 -0.85
C VAL B 323 -12.78 13.66 0.46
N LEU B 324 -11.90 12.66 0.47
CA LEU B 324 -11.50 12.02 1.69
C LEU B 324 -10.41 12.98 2.22
N THR B 325 -10.78 13.81 3.17
CA THR B 325 -9.80 14.74 3.78
C THR B 325 -8.80 14.03 4.74
N GLY B 326 -9.14 12.85 5.25
CA GLY B 326 -8.18 12.14 6.11
C GLY B 326 -8.41 10.64 5.96
N ALA B 327 -7.47 9.84 6.46
CA ALA B 327 -7.64 8.41 6.35
C ALA B 327 -6.87 7.73 7.47
N ASN B 328 -7.54 6.78 8.16
CA ASN B 328 -6.78 5.82 8.96
C ASN B 328 -6.84 4.47 8.24
N GLN B 329 -6.40 3.41 8.94
CA GLN B 329 -6.12 2.16 8.21
C GLN B 329 -7.39 1.68 7.46
N GLU B 330 -8.49 1.57 8.17
CA GLU B 330 -9.74 1.03 7.59
C GLU B 330 -10.86 2.07 7.66
N HIS B 331 -10.54 3.33 7.97
CA HIS B 331 -11.57 4.39 8.09
C HIS B 331 -11.16 5.53 7.21
N GLY B 332 -12.04 6.02 6.35
CA GLY B 332 -11.72 7.22 5.56
C GLY B 332 -12.67 8.31 6.06
N ILE B 333 -12.20 9.55 6.06
CA ILE B 333 -12.96 10.69 6.61
C ILE B 333 -13.32 11.49 5.38
N LEU B 334 -14.59 11.54 5.08
CA LEU B 334 -15.14 12.27 3.94
C LEU B 334 -15.66 13.63 4.44
N ALA B 335 -15.19 14.72 3.83
CA ALA B 335 -15.68 16.05 4.25
C ALA B 335 -15.48 17.02 3.03
N ARG B 336 -15.84 18.25 3.28
CA ARG B 336 -15.69 19.28 2.22
C ARG B 336 -14.22 19.57 2.02
N ALA B 337 -13.74 19.60 0.78
CA ALA B 337 -12.34 20.00 0.53
C ALA B 337 -12.01 21.43 0.96
N ASP B 338 -12.96 22.33 0.88
CA ASP B 338 -12.69 23.73 1.23
C ASP B 338 -12.61 23.97 2.75
N GLY B 339 -12.86 22.92 3.55
CA GLY B 339 -12.67 22.98 4.98
C GLY B 339 -13.88 23.46 5.74
N ALA B 340 -15.04 23.68 5.09
CA ALA B 340 -16.28 24.00 5.83
C ALA B 340 -16.90 22.73 6.45
N ALA B 341 -17.72 22.90 7.47
CA ALA B 341 -18.54 21.81 8.00
C ALA B 341 -19.80 21.73 7.13
N GLU B 342 -19.89 20.75 6.22
CA GLU B 342 -21.17 20.48 5.62
C GLU B 342 -22.30 20.41 6.74
N ALA B 343 -23.38 21.19 6.58
CA ALA B 343 -24.57 21.06 7.43
C ALA B 343 -25.29 19.73 7.10
N ASP B 344 -25.97 19.10 8.03
CA ASP B 344 -26.63 17.82 7.69
C ASP B 344 -25.82 16.74 6.89
N ILE B 345 -24.60 16.43 7.32
CA ILE B 345 -23.81 15.52 6.49
C ILE B 345 -24.52 14.15 6.36
N ALA B 346 -25.22 13.76 7.41
CA ALA B 346 -25.89 12.46 7.50
C ALA B 346 -27.09 12.32 6.51
N THR B 347 -27.74 13.42 6.16
CA THR B 347 -28.75 13.30 5.11
C THR B 347 -28.10 13.38 3.74
N ARG B 348 -26.98 14.09 3.61
CA ARG B 348 -26.32 14.08 2.36
C ARG B 348 -25.65 12.71 2.06
N PHE B 349 -25.18 12.05 3.11
CA PHE B 349 -24.52 10.74 2.94
C PHE B 349 -25.05 9.76 4.01
N PRO B 350 -26.27 9.19 3.81
CA PRO B 350 -26.85 8.36 4.87
C PRO B 350 -26.05 7.05 5.17
N LEU B 351 -26.15 6.55 6.40
CA LEU B 351 -25.48 5.30 6.75
C LEU B 351 -25.84 4.21 5.72
N GLY B 352 -24.86 3.44 5.24
CA GLY B 352 -25.10 2.38 4.29
C GLY B 352 -25.03 2.83 2.82
N THR B 353 -25.06 4.13 2.54
CA THR B 353 -24.80 4.75 1.19
C THR B 353 -23.48 4.24 0.62
N ARG B 354 -23.45 3.95 -0.68
CA ARG B 354 -22.21 3.58 -1.30
C ARG B 354 -21.75 4.67 -2.23
N LEU B 355 -20.45 4.85 -2.29
CA LEU B 355 -19.80 5.92 -3.03
C LEU B 355 -18.63 5.29 -3.77
N ARG B 356 -18.04 6.05 -4.72
CA ARG B 356 -16.83 5.60 -5.46
C ARG B 356 -15.74 6.68 -5.31
N ILE B 357 -14.53 6.28 -4.98
CA ILE B 357 -13.49 7.28 -4.68
C ILE B 357 -12.43 7.20 -5.76
N LEU B 358 -12.15 8.31 -6.44
CA LEU B 358 -11.10 8.20 -7.48
C LEU B 358 -9.76 8.35 -6.75
N PRO B 359 -8.72 7.60 -7.17
CA PRO B 359 -7.43 7.53 -6.41
C PRO B 359 -6.47 8.66 -6.87
N ASN B 360 -5.57 9.08 -5.97
CA ASN B 360 -4.41 9.89 -6.33
C ASN B 360 -3.59 9.17 -7.42
N ALA B 361 -3.26 7.90 -7.16
CA ALA B 361 -2.27 7.17 -7.93
C ALA B 361 -2.82 5.79 -8.19
N ALA B 362 -3.23 5.52 -9.44
CA ALA B 362 -3.83 4.18 -9.72
C ALA B 362 -2.88 3.01 -9.44
N CYS B 363 -1.56 3.20 -9.68
CA CYS B 363 -0.60 2.07 -9.45
C CYS B 363 -0.58 1.74 -7.94
N ALA B 364 -0.62 2.77 -7.09
CA ALA B 364 -0.55 2.49 -5.61
C ALA B 364 -1.89 1.93 -5.06
N THR B 365 -3.03 2.53 -5.45
CA THR B 365 -4.32 2.00 -5.03
C THR B 365 -4.55 0.60 -5.51
N GLY B 366 -4.25 0.34 -6.81
CA GLY B 366 -4.55 -1.01 -7.30
C GLY B 366 -3.78 -2.10 -6.50
N ALA B 367 -2.53 -1.82 -6.14
CA ALA B 367 -1.72 -2.82 -5.38
C ALA B 367 -2.31 -3.17 -4.03
N GLN B 368 -3.25 -2.36 -3.51
CA GLN B 368 -3.86 -2.70 -2.19
CA GLN B 368 -3.89 -2.69 -2.18
C GLN B 368 -4.87 -3.86 -2.30
N PHE B 369 -5.20 -4.24 -3.56
CA PHE B 369 -6.30 -5.24 -3.73
C PHE B 369 -5.84 -6.54 -4.37
N PRO B 370 -6.33 -7.71 -3.86
CA PRO B 370 -6.00 -8.99 -4.52
C PRO B 370 -6.57 -9.04 -5.96
N ALA B 371 -7.63 -8.27 -6.20
CA ALA B 371 -8.39 -8.39 -7.49
C ALA B 371 -9.10 -7.10 -7.79
N TYR B 372 -9.39 -6.84 -9.08
CA TYR B 372 -10.32 -5.81 -9.43
C TYR B 372 -11.71 -6.41 -9.71
N GLN B 373 -12.75 -5.56 -9.65
CA GLN B 373 -14.05 -5.95 -10.09
C GLN B 373 -14.26 -5.19 -11.39
N ALA B 374 -14.28 -5.90 -12.49
CA ALA B 374 -14.35 -5.27 -13.84
C ALA B 374 -15.82 -5.09 -14.16
N LEU B 375 -16.24 -3.81 -14.25
CA LEU B 375 -17.65 -3.39 -14.39
C LEU B 375 -17.98 -3.23 -15.88
N ALA B 376 -18.85 -4.09 -16.37
CA ALA B 376 -19.41 -4.00 -17.73
C ALA B 376 -20.56 -2.97 -17.83
N ALA B 377 -20.91 -2.64 -19.08
CA ALA B 377 -21.95 -1.63 -19.32
C ALA B 377 -23.31 -2.03 -18.74
N ASP B 378 -23.60 -3.33 -18.64
CA ASP B 378 -24.89 -3.72 -18.04
C ASP B 378 -24.93 -3.71 -16.50
N GLY B 379 -23.86 -3.30 -15.88
CA GLY B 379 -23.90 -3.17 -14.44
C GLY B 379 -23.29 -4.36 -13.69
N SER B 380 -22.99 -5.46 -14.43
CA SER B 380 -22.44 -6.67 -13.81
C SER B 380 -20.91 -6.50 -13.64
N VAL B 381 -20.34 -7.23 -12.64
CA VAL B 381 -18.92 -7.24 -12.41
C VAL B 381 -18.31 -8.65 -12.53
N GLN B 382 -17.03 -8.70 -12.84
CA GLN B 382 -16.31 -9.95 -12.91
C GLN B 382 -15.04 -9.72 -12.12
N THR B 383 -14.58 -10.73 -11.37
CA THR B 383 -13.30 -10.58 -10.60
C THR B 383 -12.08 -10.84 -11.49
N TRP B 384 -11.16 -9.87 -11.57
CA TRP B 384 -9.93 -9.99 -12.34
C TRP B 384 -8.83 -9.93 -11.32
N GLU B 385 -8.21 -11.08 -11.05
CA GLU B 385 -7.07 -11.13 -10.13
C GLU B 385 -5.90 -10.29 -10.57
N ARG B 386 -5.11 -9.85 -9.60
CA ARG B 386 -3.86 -9.22 -9.92
C ARG B 386 -2.79 -9.71 -8.95
N LEU B 387 -1.53 -9.45 -9.30
CA LEU B 387 -0.42 -10.06 -8.58
C LEU B 387 -0.05 -9.13 -7.37
N HIS B 388 0.34 -9.74 -6.25
CA HIS B 388 0.86 -8.98 -5.11
C HIS B 388 2.25 -9.57 -4.70
N GLY B 389 3.24 -8.72 -4.43
CA GLY B 389 4.51 -9.26 -3.84
C GLY B 389 5.51 -9.52 -4.97
N TRP B 390 6.48 -10.39 -4.69
CA TRP B 390 7.69 -10.54 -5.52
C TRP B 390 7.91 -11.98 -5.74
#